data_1RIR
#
_entry.id   1RIR
#
_cell.length_a   94.8
_cell.length_b   94.8
_cell.length_c   144.0
_cell.angle_alpha   90.0
_cell.angle_beta   90.0
_cell.angle_gamma   120.0
#
_symmetry.space_group_name_H-M   'P 32'
#
loop_
_entity.id
_entity.type
_entity.pdbx_description
1 polymer 'Galactose-binding lectin'
2 non-polymer 'CALCIUM ION'
3 non-polymer 'MANGANESE (II) ION'
4 non-polymer 5,10,15,20-TETRAKIS(4-SULPFONATOPHENYL)-21H,23H-PORPHINE
5 water water
#
_entity_poly.entity_id   1
_entity_poly.type   'polypeptide(L)'
_entity_poly.pdbx_seq_one_letter_code
;AETVSFNFNSFSEGNPAINFQGDVTVLSNGNIQLTNLNKVNSVGRVLYAMPVRIWSSATGNVASFLTSFSFEMKDIKDYD
PADGIIFFIAPEDTQIPAGSIGGGTLGVSDTKGAGHFVGVEFDTYSNSEYNDPPTDHVGIDVNSVDSVKTVPWNSVSGAV
VKVTVIYDSSTKTLSVAVTNDNGDITTIAQVVDLKAKLPERVKFGFSASGSLGGRQIHLIRSWSFTSTLITTTRRS
;
_entity_poly.pdbx_strand_id   A,B,C,D
#
# COMPACT_ATOMS: atom_id res chain seq x y z
N ALA A 1 -12.27 8.41 0.63
CA ALA A 1 -13.09 7.59 -0.31
C ALA A 1 -13.15 6.15 0.17
N GLU A 2 -14.05 5.37 -0.40
CA GLU A 2 -14.21 3.97 -0.02
C GLU A 2 -13.32 3.09 -0.93
N THR A 3 -12.29 2.48 -0.38
CA THR A 3 -11.42 1.69 -1.25
C THR A 3 -11.18 0.25 -0.78
N VAL A 4 -11.17 -0.67 -1.73
CA VAL A 4 -10.93 -2.09 -1.45
C VAL A 4 -9.59 -2.46 -2.12
N SER A 5 -8.70 -3.15 -1.43
CA SER A 5 -7.44 -3.51 -2.06
C SER A 5 -6.78 -4.69 -1.39
N PHE A 6 -6.56 -5.73 -2.19
CA PHE A 6 -5.95 -6.94 -1.70
C PHE A 6 -4.80 -7.33 -2.63
N ASN A 7 -4.04 -8.33 -2.25
CA ASN A 7 -2.93 -8.77 -3.09
C ASN A 7 -2.50 -10.20 -2.77
N PHE A 8 -2.49 -11.05 -3.80
CA PHE A 8 -2.12 -12.44 -3.66
C PHE A 8 -0.96 -12.81 -4.60
N ASN A 9 0.17 -13.18 -4.02
CA ASN A 9 1.31 -13.60 -4.81
C ASN A 9 1.38 -15.12 -4.76
N SER A 10 0.55 -15.69 -3.89
CA SER A 10 0.45 -17.15 -3.71
C SER A 10 -0.94 -17.44 -3.15
N PHE A 11 -1.33 -18.71 -3.12
CA PHE A 11 -2.62 -19.08 -2.57
C PHE A 11 -2.47 -20.30 -1.68
N SER A 12 -3.51 -20.62 -0.91
CA SER A 12 -3.50 -21.77 -0.01
C SER A 12 -4.92 -21.94 0.48
N GLU A 13 -5.40 -23.17 0.50
CA GLU A 13 -6.76 -23.43 0.95
C GLU A 13 -6.87 -22.93 2.36
N GLY A 14 -8.09 -22.75 2.84
CA GLY A 14 -8.27 -22.28 4.20
C GLY A 14 -8.23 -20.77 4.42
N ASN A 15 -7.82 -20.01 3.40
CA ASN A 15 -7.75 -18.55 3.54
C ASN A 15 -9.17 -18.06 3.44
N PRO A 16 -9.67 -17.41 4.49
CA PRO A 16 -11.05 -16.92 4.46
C PRO A 16 -11.34 -15.83 3.44
N ALA A 17 -10.30 -15.38 2.76
CA ALA A 17 -10.44 -14.30 1.79
C ALA A 17 -10.88 -14.79 0.41
N ILE A 18 -10.81 -16.10 0.21
CA ILE A 18 -11.16 -16.68 -1.08
C ILE A 18 -12.10 -17.88 -1.01
N ASN A 19 -13.11 -17.89 -1.88
CA ASN A 19 -14.08 -18.99 -1.93
C ASN A 19 -13.80 -19.85 -3.16
N PHE A 20 -13.70 -21.16 -2.97
CA PHE A 20 -13.44 -22.07 -4.09
C PHE A 20 -14.69 -22.86 -4.52
N GLN A 21 -15.20 -22.56 -5.71
CA GLN A 21 -16.38 -23.23 -6.25
C GLN A 21 -15.99 -24.12 -7.41
N GLY A 22 -16.22 -25.42 -7.30
CA GLY A 22 -15.89 -26.29 -8.42
C GLY A 22 -14.64 -27.13 -8.28
N ASP A 23 -14.05 -27.47 -9.41
CA ASP A 23 -12.86 -28.30 -9.43
C ASP A 23 -11.58 -27.50 -9.15
N VAL A 24 -11.69 -26.46 -8.34
CA VAL A 24 -10.51 -25.68 -8.05
C VAL A 24 -9.65 -26.43 -7.06
N THR A 25 -8.38 -26.58 -7.42
CA THR A 25 -7.40 -27.25 -6.58
C THR A 25 -6.16 -26.39 -6.39
N VAL A 26 -5.79 -26.16 -5.13
CA VAL A 26 -4.62 -25.34 -4.84
C VAL A 26 -3.36 -26.18 -4.79
N LEU A 27 -2.40 -25.86 -5.64
CA LEU A 27 -1.16 -26.60 -5.67
C LEU A 27 -0.22 -26.31 -4.50
N SER A 28 0.65 -27.27 -4.24
CA SER A 28 1.62 -27.19 -3.17
C SER A 28 2.67 -26.12 -3.45
N ASN A 29 2.37 -25.19 -4.36
CA ASN A 29 3.33 -24.15 -4.70
C ASN A 29 2.62 -22.80 -4.77
N GLY A 30 1.51 -22.68 -4.06
CA GLY A 30 0.76 -21.44 -4.04
C GLY A 30 0.13 -21.03 -5.36
N ASN A 31 -0.14 -22.02 -6.20
CA ASN A 31 -0.75 -21.75 -7.48
C ASN A 31 -2.13 -22.38 -7.51
N ILE A 32 -3.06 -21.70 -8.17
CA ILE A 32 -4.41 -22.19 -8.25
C ILE A 32 -4.61 -22.88 -9.58
N GLN A 33 -5.15 -24.09 -9.54
CA GLN A 33 -5.47 -24.85 -10.74
C GLN A 33 -7.00 -24.85 -10.82
N LEU A 34 -7.53 -24.24 -11.88
CA LEU A 34 -8.97 -24.16 -12.02
C LEU A 34 -9.78 -25.39 -12.41
N THR A 35 -9.26 -26.22 -13.32
CA THR A 35 -10.02 -27.42 -13.73
C THR A 35 -9.41 -28.77 -13.44
N ASN A 36 -10.28 -29.78 -13.34
CA ASN A 36 -9.82 -31.14 -13.10
C ASN A 36 -9.59 -31.81 -14.45
N LEU A 37 -8.37 -32.30 -14.66
CA LEU A 37 -8.03 -32.95 -15.91
C LEU A 37 -8.67 -34.32 -16.15
N ASN A 38 -9.06 -35.00 -15.09
CA ASN A 38 -9.66 -36.33 -15.24
C ASN A 38 -11.19 -36.33 -15.26
N LYS A 39 -11.80 -35.18 -15.55
CA LYS A 39 -13.26 -35.11 -15.59
C LYS A 39 -13.79 -34.62 -16.93
N VAL A 40 -15.01 -35.03 -17.24
CA VAL A 40 -15.68 -34.59 -18.44
C VAL A 40 -16.43 -33.37 -17.94
N ASN A 41 -16.34 -32.25 -18.65
CA ASN A 41 -17.06 -31.05 -18.23
C ASN A 41 -16.60 -30.41 -16.92
N SER A 42 -15.32 -30.53 -16.60
CA SER A 42 -14.82 -29.92 -15.37
C SER A 42 -15.20 -28.44 -15.38
N VAL A 43 -15.35 -27.86 -14.19
CA VAL A 43 -15.69 -26.44 -14.06
C VAL A 43 -15.17 -25.95 -12.71
N GLY A 44 -14.46 -24.82 -12.71
CA GLY A 44 -13.93 -24.27 -11.46
C GLY A 44 -13.84 -22.76 -11.44
N ARG A 45 -14.10 -22.19 -10.27
CA ARG A 45 -14.04 -20.75 -10.11
C ARG A 45 -13.38 -20.41 -8.78
N VAL A 46 -12.77 -19.25 -8.70
CA VAL A 46 -12.13 -18.78 -7.48
C VAL A 46 -12.68 -17.37 -7.31
N LEU A 47 -13.22 -17.08 -6.13
CA LEU A 47 -13.77 -15.76 -5.89
C LEU A 47 -13.24 -15.05 -4.64
N TYR A 48 -13.18 -13.73 -4.70
CA TYR A 48 -12.72 -12.96 -3.56
C TYR A 48 -13.92 -12.97 -2.63
N ALA A 49 -13.75 -13.62 -1.50
CA ALA A 49 -14.81 -13.80 -0.51
C ALA A 49 -15.80 -12.68 -0.21
N MET A 50 -15.32 -11.46 0.01
CA MET A 50 -16.18 -10.35 0.35
C MET A 50 -16.79 -9.69 -0.87
N PRO A 51 -18.06 -9.25 -0.78
CA PRO A 51 -18.72 -8.58 -1.90
C PRO A 51 -18.18 -7.16 -1.90
N VAL A 52 -17.92 -6.61 -3.08
CA VAL A 52 -17.41 -5.25 -3.15
C VAL A 52 -18.54 -4.47 -3.74
N ARG A 53 -18.88 -3.35 -3.12
CA ARG A 53 -19.97 -2.49 -3.57
C ARG A 53 -19.46 -1.60 -4.70
N ILE A 54 -19.75 -1.96 -5.95
CA ILE A 54 -19.24 -1.18 -7.07
C ILE A 54 -19.89 0.16 -7.32
N TRP A 55 -21.16 0.31 -6.97
CA TRP A 55 -21.81 1.60 -7.15
C TRP A 55 -22.81 1.84 -6.05
N SER A 56 -23.16 3.12 -5.84
CA SER A 56 -24.10 3.52 -4.80
C SER A 56 -25.41 4.11 -5.31
N SER A 57 -26.52 3.49 -4.90
CA SER A 57 -27.84 3.93 -5.31
C SER A 57 -28.08 5.30 -4.74
N ALA A 58 -27.25 5.69 -3.79
CA ALA A 58 -27.37 6.98 -3.14
C ALA A 58 -26.50 8.06 -3.81
N THR A 59 -25.24 7.74 -4.06
CA THR A 59 -24.32 8.68 -4.69
C THR A 59 -24.56 8.74 -6.19
N GLY A 60 -24.88 7.60 -6.78
CA GLY A 60 -25.10 7.53 -8.22
C GLY A 60 -23.76 7.22 -8.86
N ASN A 61 -22.72 7.25 -8.03
CA ASN A 61 -21.35 6.98 -8.45
C ASN A 61 -21.02 5.53 -8.68
N VAL A 62 -19.98 5.31 -9.46
CA VAL A 62 -19.52 3.99 -9.80
C VAL A 62 -18.03 3.93 -9.57
N ALA A 63 -17.58 2.90 -8.87
CA ALA A 63 -16.16 2.77 -8.58
C ALA A 63 -15.27 2.47 -9.79
N SER A 64 -14.01 2.88 -9.69
CA SER A 64 -13.01 2.59 -10.71
C SER A 64 -12.14 1.51 -10.06
N PHE A 65 -11.49 0.69 -10.87
CA PHE A 65 -10.62 -0.32 -10.29
C PHE A 65 -9.44 -0.64 -11.18
N LEU A 66 -8.33 -1.00 -10.54
CA LEU A 66 -7.11 -1.31 -11.21
C LEU A 66 -6.70 -2.69 -10.75
N THR A 67 -6.92 -3.70 -11.58
CA THR A 67 -6.55 -5.06 -11.21
C THR A 67 -5.64 -5.67 -12.24
N SER A 68 -4.63 -6.38 -11.77
CA SER A 68 -3.69 -7.05 -12.67
C SER A 68 -3.45 -8.44 -12.11
N PHE A 69 -3.29 -9.41 -13.00
CA PHE A 69 -3.10 -10.78 -12.59
C PHE A 69 -2.28 -11.55 -13.61
N SER A 70 -1.80 -12.73 -13.22
CA SER A 70 -1.00 -13.55 -14.11
C SER A 70 -1.49 -14.98 -14.12
N PHE A 71 -1.43 -15.61 -15.29
CA PHE A 71 -1.86 -16.99 -15.43
C PHE A 71 -1.00 -17.82 -16.40
N GLU A 72 -1.31 -19.10 -16.49
CA GLU A 72 -0.56 -20.00 -17.36
C GLU A 72 -1.47 -21.14 -17.77
N MET A 73 -1.42 -21.52 -19.05
CA MET A 73 -2.23 -22.62 -19.55
C MET A 73 -1.36 -23.61 -20.32
N LYS A 74 -0.98 -24.71 -19.68
CA LYS A 74 -0.12 -25.72 -20.31
C LYS A 74 -0.97 -26.83 -20.95
N ASP A 75 -0.59 -27.26 -22.15
CA ASP A 75 -1.33 -28.31 -22.86
C ASP A 75 -1.09 -29.68 -22.27
N ILE A 76 -1.91 -30.66 -22.66
CA ILE A 76 -1.71 -32.02 -22.18
C ILE A 76 -1.91 -33.03 -23.32
N LYS A 77 -0.86 -33.81 -23.56
CA LYS A 77 -0.81 -34.84 -24.59
C LYS A 77 -2.19 -35.43 -24.98
N ASP A 78 -2.49 -35.43 -26.27
CA ASP A 78 -3.75 -35.97 -26.80
C ASP A 78 -4.99 -35.25 -26.30
N TYR A 79 -4.98 -33.92 -26.31
CA TYR A 79 -6.13 -33.15 -25.84
C TYR A 79 -6.24 -31.78 -26.48
N ASP A 80 -7.46 -31.35 -26.75
CA ASP A 80 -7.66 -30.04 -27.35
C ASP A 80 -7.55 -28.99 -26.24
N PRO A 81 -6.71 -27.97 -26.44
CA PRO A 81 -6.55 -26.91 -25.44
C PRO A 81 -7.81 -26.07 -25.28
N ALA A 82 -8.48 -26.22 -24.14
CA ALA A 82 -9.71 -25.51 -23.85
C ALA A 82 -10.06 -25.60 -22.36
N ASP A 83 -11.00 -24.78 -21.88
CA ASP A 83 -11.72 -23.78 -22.66
C ASP A 83 -11.10 -22.41 -22.59
N GLY A 84 -10.30 -22.18 -21.55
CA GLY A 84 -9.64 -20.89 -21.36
C GLY A 84 -10.00 -20.35 -19.98
N ILE A 85 -9.35 -19.28 -19.57
CA ILE A 85 -9.66 -18.69 -18.27
C ILE A 85 -10.59 -17.52 -18.48
N ILE A 86 -11.12 -16.95 -17.40
CA ILE A 86 -11.98 -15.77 -17.51
C ILE A 86 -12.00 -15.02 -16.18
N PHE A 87 -11.85 -13.71 -16.27
CA PHE A 87 -11.85 -12.81 -15.12
C PHE A 87 -13.23 -12.19 -15.18
N PHE A 88 -14.02 -12.32 -14.12
CA PHE A 88 -15.39 -11.80 -14.17
C PHE A 88 -15.95 -11.17 -12.91
N ILE A 89 -17.07 -10.50 -13.11
CA ILE A 89 -17.81 -9.80 -12.06
C ILE A 89 -19.25 -10.32 -12.05
N ALA A 90 -19.78 -10.66 -10.88
CA ALA A 90 -21.14 -11.21 -10.82
C ALA A 90 -21.88 -10.75 -9.59
N PRO A 91 -23.18 -11.04 -9.53
CA PRO A 91 -23.99 -10.66 -8.39
C PRO A 91 -23.46 -11.43 -7.21
N GLU A 92 -23.38 -10.79 -6.04
CA GLU A 92 -22.84 -11.42 -4.84
C GLU A 92 -23.33 -12.85 -4.60
N ASP A 93 -24.55 -13.14 -5.05
CA ASP A 93 -25.13 -14.46 -4.83
C ASP A 93 -24.75 -15.56 -5.85
N THR A 94 -23.91 -15.19 -6.81
CA THR A 94 -23.44 -16.07 -7.88
C THR A 94 -23.13 -17.52 -7.54
N GLN A 95 -23.90 -18.45 -8.12
CA GLN A 95 -23.66 -19.87 -7.92
C GLN A 95 -22.88 -20.35 -9.11
N ILE A 96 -22.19 -21.48 -8.98
CA ILE A 96 -21.40 -21.95 -10.12
C ILE A 96 -22.28 -22.67 -11.09
N PRO A 97 -22.30 -22.15 -12.35
CA PRO A 97 -23.09 -22.70 -13.46
C PRO A 97 -23.02 -24.21 -13.55
N ALA A 98 -24.01 -24.75 -14.25
CA ALA A 98 -24.08 -26.20 -14.47
C ALA A 98 -22.89 -26.62 -15.27
N GLY A 99 -22.19 -27.68 -14.87
CA GLY A 99 -21.06 -28.19 -15.64
C GLY A 99 -21.68 -28.60 -16.97
N SER A 100 -21.01 -28.46 -18.13
CA SER A 100 -21.61 -28.82 -19.42
C SER A 100 -20.53 -29.63 -20.10
N ILE A 101 -20.72 -30.13 -21.32
CA ILE A 101 -19.66 -31.04 -21.80
C ILE A 101 -18.86 -30.76 -23.02
N GLY A 102 -19.38 -30.95 -24.20
CA GLY A 102 -18.55 -30.62 -25.33
C GLY A 102 -18.27 -29.13 -25.11
N GLY A 103 -19.31 -28.49 -24.59
CA GLY A 103 -19.39 -27.09 -24.31
C GLY A 103 -18.17 -26.32 -23.86
N GLY A 104 -18.36 -25.00 -23.88
CA GLY A 104 -17.31 -24.06 -23.49
C GLY A 104 -17.94 -22.79 -22.92
N THR A 105 -18.65 -22.94 -21.82
CA THR A 105 -19.31 -21.84 -21.14
C THR A 105 -18.36 -21.13 -20.20
N LEU A 106 -17.11 -21.56 -20.21
CA LEU A 106 -16.10 -20.95 -19.36
C LEU A 106 -16.56 -20.88 -17.90
N GLY A 107 -17.53 -21.71 -17.53
CA GLY A 107 -17.99 -21.75 -16.16
C GLY A 107 -18.78 -20.56 -15.63
N VAL A 108 -19.42 -19.82 -16.52
CA VAL A 108 -20.21 -18.66 -16.10
C VAL A 108 -21.57 -18.56 -16.77
N SER A 109 -21.93 -19.54 -17.60
CA SER A 109 -23.21 -19.50 -18.33
C SER A 109 -23.89 -20.86 -18.49
N ASP A 110 -25.11 -20.85 -19.03
CA ASP A 110 -25.83 -22.09 -19.26
C ASP A 110 -25.39 -22.71 -20.61
N THR A 111 -26.04 -23.81 -20.99
CA THR A 111 -25.70 -24.48 -22.25
C THR A 111 -25.84 -23.52 -23.43
N LYS A 112 -26.81 -22.62 -23.34
CA LYS A 112 -27.08 -21.62 -24.38
C LYS A 112 -26.00 -20.51 -24.45
N GLY A 113 -25.34 -20.23 -23.34
CA GLY A 113 -24.32 -19.20 -23.33
C GLY A 113 -24.74 -17.95 -22.61
N ALA A 114 -25.90 -17.99 -21.95
CA ALA A 114 -26.43 -16.86 -21.20
C ALA A 114 -25.98 -16.90 -19.75
N GLY A 115 -26.06 -15.77 -19.06
CA GLY A 115 -25.65 -15.73 -17.66
C GLY A 115 -25.61 -14.29 -17.17
N HIS A 116 -25.67 -14.09 -15.86
CA HIS A 116 -25.63 -12.74 -15.35
C HIS A 116 -24.27 -12.40 -14.78
N PHE A 117 -23.45 -11.77 -15.60
CA PHE A 117 -22.09 -11.40 -15.22
C PHE A 117 -21.48 -10.53 -16.30
N VAL A 118 -20.31 -9.99 -16.01
CA VAL A 118 -19.56 -9.17 -16.95
C VAL A 118 -18.12 -9.58 -16.76
N GLY A 119 -17.42 -9.90 -17.85
CA GLY A 119 -16.03 -10.32 -17.73
C GLY A 119 -15.12 -10.25 -18.95
N VAL A 120 -13.83 -10.51 -18.74
CA VAL A 120 -12.85 -10.48 -19.82
C VAL A 120 -12.44 -11.93 -19.98
N GLU A 121 -12.55 -12.44 -21.19
CA GLU A 121 -12.19 -13.82 -21.44
C GLU A 121 -10.91 -14.00 -22.25
N PHE A 122 -10.22 -15.10 -21.95
CA PHE A 122 -8.96 -15.48 -22.58
C PHE A 122 -9.20 -16.89 -23.16
N ASP A 123 -10.06 -16.91 -24.17
CA ASP A 123 -10.51 -18.12 -24.87
C ASP A 123 -9.52 -18.70 -25.86
N THR A 124 -9.30 -20.01 -25.76
CA THR A 124 -8.36 -20.71 -26.63
C THR A 124 -8.96 -21.78 -27.54
N TYR A 125 -10.28 -21.77 -27.71
CA TYR A 125 -10.92 -22.78 -28.57
C TYR A 125 -12.23 -22.29 -29.17
N SER A 126 -12.33 -22.32 -30.50
CA SER A 126 -13.54 -21.84 -31.18
C SER A 126 -14.76 -22.76 -31.15
N ASN A 127 -15.92 -22.19 -30.89
CA ASN A 127 -17.17 -22.93 -30.85
C ASN A 127 -18.20 -22.21 -31.74
N SER A 128 -18.45 -22.77 -32.90
CA SER A 128 -19.43 -22.19 -33.81
C SER A 128 -20.68 -21.78 -33.03
N GLU A 129 -20.95 -22.54 -31.97
CA GLU A 129 -22.12 -22.35 -31.11
C GLU A 129 -22.23 -21.03 -30.37
N TYR A 130 -21.12 -20.33 -30.18
CA TYR A 130 -21.15 -19.06 -29.46
C TYR A 130 -20.46 -17.93 -30.26
N ASN A 131 -20.30 -18.14 -31.56
CA ASN A 131 -19.67 -17.14 -32.43
C ASN A 131 -18.17 -16.97 -32.26
N ASP A 132 -17.53 -17.91 -31.55
CA ASP A 132 -16.08 -17.86 -31.33
C ASP A 132 -15.30 -17.55 -32.59
N PRO A 133 -14.54 -16.43 -32.59
CA PRO A 133 -13.74 -16.08 -33.78
C PRO A 133 -12.92 -17.31 -34.17
N PRO A 134 -12.49 -17.39 -35.46
CA PRO A 134 -11.70 -18.52 -35.93
C PRO A 134 -10.60 -19.02 -34.99
N THR A 135 -9.89 -18.10 -34.34
CA THR A 135 -8.81 -18.51 -33.48
C THR A 135 -8.85 -17.91 -32.10
N ASP A 136 -7.80 -18.20 -31.34
CA ASP A 136 -7.62 -17.72 -29.98
C ASP A 136 -7.93 -16.24 -29.90
N HIS A 137 -8.59 -15.83 -28.82
CA HIS A 137 -8.98 -14.44 -28.67
C HIS A 137 -9.16 -14.02 -27.24
N VAL A 138 -9.24 -12.70 -27.05
CA VAL A 138 -9.49 -12.10 -25.75
C VAL A 138 -10.82 -11.38 -26.00
N GLY A 139 -11.78 -11.55 -25.11
CA GLY A 139 -13.04 -10.88 -25.36
C GLY A 139 -13.57 -10.10 -24.19
N ILE A 140 -14.71 -9.46 -24.40
CA ILE A 140 -15.39 -8.68 -23.38
C ILE A 140 -16.83 -9.16 -23.34
N ASP A 141 -17.13 -10.02 -22.36
CA ASP A 141 -18.46 -10.58 -22.24
C ASP A 141 -19.34 -9.75 -21.31
N VAL A 142 -20.61 -9.69 -21.68
CA VAL A 142 -21.59 -8.99 -20.90
C VAL A 142 -22.82 -9.89 -20.94
N ASN A 143 -23.01 -10.67 -19.87
CA ASN A 143 -24.14 -11.59 -19.78
C ASN A 143 -24.22 -12.64 -20.89
N SER A 144 -23.11 -12.89 -21.58
CA SER A 144 -23.12 -13.88 -22.66
C SER A 144 -21.70 -14.28 -23.03
N VAL A 145 -21.48 -15.58 -23.24
CA VAL A 145 -20.16 -16.05 -23.64
C VAL A 145 -19.87 -15.70 -25.11
N ASP A 146 -20.86 -15.11 -25.80
CA ASP A 146 -20.74 -14.65 -27.18
C ASP A 146 -20.23 -13.22 -27.02
N SER A 147 -18.93 -13.07 -26.87
CA SER A 147 -18.32 -11.76 -26.63
C SER A 147 -18.93 -10.57 -27.36
N VAL A 148 -19.01 -9.45 -26.65
CA VAL A 148 -19.53 -8.22 -27.23
C VAL A 148 -18.49 -7.76 -28.23
N LYS A 149 -17.22 -7.80 -27.84
CA LYS A 149 -16.13 -7.42 -28.74
C LYS A 149 -15.03 -8.45 -28.56
N THR A 150 -14.20 -8.66 -29.57
CA THR A 150 -13.10 -9.61 -29.48
C THR A 150 -11.90 -9.12 -30.26
N VAL A 151 -10.72 -9.58 -29.87
CA VAL A 151 -9.51 -9.19 -30.55
C VAL A 151 -8.63 -10.44 -30.66
N PRO A 152 -7.95 -10.59 -31.80
CA PRO A 152 -7.08 -11.74 -32.01
C PRO A 152 -5.96 -11.81 -31.00
N TRP A 153 -5.84 -12.97 -30.36
CA TRP A 153 -4.79 -13.20 -29.39
C TRP A 153 -4.23 -14.59 -29.70
N ASN A 154 -3.09 -14.91 -29.11
CA ASN A 154 -2.52 -16.23 -29.33
C ASN A 154 -2.02 -16.83 -28.01
N SER A 155 -2.62 -17.94 -27.58
CA SER A 155 -2.22 -18.59 -26.34
C SER A 155 -1.04 -19.53 -26.53
N VAL A 156 -0.04 -19.39 -25.67
CA VAL A 156 1.16 -20.19 -25.74
C VAL A 156 1.35 -21.08 -24.52
N SER A 157 1.36 -22.38 -24.75
CA SER A 157 1.49 -23.36 -23.67
C SER A 157 2.70 -23.12 -22.79
N GLY A 158 2.51 -23.22 -21.47
CA GLY A 158 3.59 -23.03 -20.53
C GLY A 158 4.11 -21.62 -20.40
N ALA A 159 3.40 -20.65 -20.97
CA ALA A 159 3.85 -19.28 -20.88
C ALA A 159 3.06 -18.53 -19.81
N VAL A 160 3.77 -17.74 -19.00
CA VAL A 160 3.13 -16.95 -17.95
C VAL A 160 2.62 -15.65 -18.55
N VAL A 161 1.34 -15.33 -18.34
CA VAL A 161 0.81 -14.10 -18.89
C VAL A 161 0.53 -13.06 -17.83
N LYS A 162 0.82 -11.80 -18.15
CA LYS A 162 0.55 -10.70 -17.23
C LYS A 162 -0.61 -9.89 -17.82
N VAL A 163 -1.59 -9.56 -16.99
CA VAL A 163 -2.76 -8.83 -17.45
C VAL A 163 -3.10 -7.65 -16.56
N THR A 164 -3.11 -6.45 -17.13
CA THR A 164 -3.48 -5.25 -16.39
C THR A 164 -4.85 -4.74 -16.87
N VAL A 165 -5.78 -4.60 -15.92
CA VAL A 165 -7.13 -4.14 -16.21
C VAL A 165 -7.40 -2.81 -15.50
N ILE A 166 -8.01 -1.88 -16.23
CA ILE A 166 -8.36 -0.57 -15.70
C ILE A 166 -9.82 -0.26 -16.02
N TYR A 167 -10.58 0.28 -15.06
CA TYR A 167 -11.96 0.65 -15.29
C TYR A 167 -12.12 2.09 -14.87
N ASP A 168 -12.62 2.94 -15.78
CA ASP A 168 -12.80 4.34 -15.45
C ASP A 168 -14.22 4.55 -14.99
N SER A 169 -14.38 5.11 -13.79
CA SER A 169 -15.70 5.35 -13.20
C SER A 169 -16.62 6.17 -14.09
N SER A 170 -16.10 7.26 -14.65
CA SER A 170 -16.92 8.13 -15.49
C SER A 170 -17.15 7.57 -16.90
N THR A 171 -16.10 7.58 -17.71
CA THR A 171 -16.17 7.10 -19.08
C THR A 171 -16.70 5.68 -19.20
N LYS A 172 -16.90 5.01 -18.07
CA LYS A 172 -17.37 3.62 -18.04
C LYS A 172 -16.60 2.74 -19.01
N THR A 173 -15.29 2.97 -19.12
CA THR A 173 -14.44 2.22 -20.02
C THR A 173 -13.62 1.12 -19.36
N LEU A 174 -13.85 -0.12 -19.78
CA LEU A 174 -13.10 -1.26 -19.28
C LEU A 174 -11.95 -1.47 -20.26
N SER A 175 -10.70 -1.32 -19.81
CA SER A 175 -9.54 -1.46 -20.69
C SER A 175 -8.51 -2.53 -20.28
N VAL A 176 -8.37 -3.55 -21.12
CA VAL A 176 -7.46 -4.63 -20.83
C VAL A 176 -6.15 -4.48 -21.60
N ALA A 177 -5.09 -5.11 -21.09
CA ALA A 177 -3.78 -5.09 -21.72
C ALA A 177 -3.08 -6.42 -21.42
N VAL A 178 -2.99 -7.30 -22.43
CA VAL A 178 -2.36 -8.60 -22.28
C VAL A 178 -0.89 -8.60 -22.68
N THR A 179 0.01 -8.89 -21.73
CA THR A 179 1.44 -8.96 -22.01
C THR A 179 1.85 -10.39 -22.19
N ASN A 180 2.35 -10.72 -23.38
CA ASN A 180 2.78 -12.08 -23.73
C ASN A 180 4.23 -12.36 -23.34
N ASP A 181 4.63 -13.63 -23.43
CA ASP A 181 5.98 -14.04 -23.07
C ASP A 181 7.08 -13.33 -23.86
N ASN A 182 6.94 -13.29 -25.19
CA ASN A 182 7.92 -12.64 -26.04
C ASN A 182 8.06 -11.12 -25.80
N GLY A 183 7.03 -10.49 -25.25
CA GLY A 183 7.04 -9.06 -24.99
C GLY A 183 5.81 -8.35 -25.53
N ASP A 184 5.44 -8.63 -26.77
CA ASP A 184 4.28 -8.01 -27.42
C ASP A 184 3.07 -7.85 -26.52
N ILE A 185 2.32 -6.77 -26.70
CA ILE A 185 1.12 -6.52 -25.90
C ILE A 185 -0.12 -6.50 -26.76
N THR A 186 -1.18 -7.09 -26.22
CA THR A 186 -2.47 -7.18 -26.87
C THR A 186 -3.35 -6.33 -25.97
N THR A 187 -4.22 -5.50 -26.57
CA THR A 187 -5.14 -4.66 -25.78
C THR A 187 -6.53 -4.56 -26.45
N ILE A 188 -7.54 -4.42 -25.61
CA ILE A 188 -8.93 -4.31 -26.04
C ILE A 188 -9.60 -3.41 -25.00
N ALA A 189 -10.68 -2.73 -25.40
CA ALA A 189 -11.38 -1.83 -24.50
C ALA A 189 -12.85 -1.76 -24.86
N GLN A 190 -13.68 -1.52 -23.85
CA GLN A 190 -15.11 -1.47 -24.10
C GLN A 190 -15.86 -0.75 -22.99
N VAL A 191 -16.90 -0.05 -23.39
CA VAL A 191 -17.75 0.66 -22.46
C VAL A 191 -18.75 -0.37 -21.93
N VAL A 192 -18.94 -0.38 -20.61
CA VAL A 192 -19.88 -1.30 -19.97
C VAL A 192 -20.39 -0.58 -18.72
N ASP A 193 -21.65 -0.14 -18.74
CA ASP A 193 -22.16 0.53 -17.56
C ASP A 193 -22.29 -0.53 -16.47
N LEU A 194 -21.32 -0.55 -15.56
CA LEU A 194 -21.37 -1.51 -14.48
C LEU A 194 -22.63 -1.30 -13.69
N LYS A 195 -23.05 -0.04 -13.56
CA LYS A 195 -24.27 0.31 -12.84
C LYS A 195 -25.54 -0.13 -13.58
N ALA A 196 -25.39 -0.53 -14.83
CA ALA A 196 -26.53 -0.96 -15.63
C ALA A 196 -26.70 -2.47 -15.68
N LYS A 197 -25.59 -3.20 -15.60
CA LYS A 197 -25.65 -4.66 -15.67
C LYS A 197 -25.54 -5.38 -14.34
N LEU A 198 -24.89 -4.76 -13.36
CA LEU A 198 -24.69 -5.42 -12.09
C LEU A 198 -25.32 -4.77 -10.89
N PRO A 199 -25.72 -5.58 -9.90
CA PRO A 199 -26.35 -5.05 -8.70
C PRO A 199 -25.28 -4.29 -7.93
N GLU A 200 -25.68 -3.52 -6.92
CA GLU A 200 -24.72 -2.74 -6.14
C GLU A 200 -23.55 -3.57 -5.65
N ARG A 201 -23.84 -4.72 -5.06
CA ARG A 201 -22.81 -5.61 -4.53
C ARG A 201 -22.53 -6.75 -5.48
N VAL A 202 -21.28 -6.84 -5.92
CA VAL A 202 -20.86 -7.90 -6.82
C VAL A 202 -19.68 -8.63 -6.23
N LYS A 203 -19.14 -9.58 -6.99
CA LYS A 203 -17.98 -10.32 -6.54
C LYS A 203 -16.99 -10.45 -7.71
N PHE A 204 -15.70 -10.40 -7.41
CA PHE A 204 -14.68 -10.54 -8.46
C PHE A 204 -14.01 -11.91 -8.38
N GLY A 205 -13.65 -12.46 -9.53
CA GLY A 205 -13.00 -13.76 -9.54
C GLY A 205 -12.59 -14.21 -10.90
N PHE A 206 -12.07 -15.43 -10.96
CA PHE A 206 -11.59 -16.08 -12.19
C PHE A 206 -12.33 -17.40 -12.32
N SER A 207 -12.75 -17.74 -13.53
CA SER A 207 -13.46 -18.99 -13.77
C SER A 207 -12.88 -19.74 -14.98
N ALA A 208 -13.15 -21.04 -15.05
CA ALA A 208 -12.65 -21.84 -16.14
C ALA A 208 -13.58 -23.02 -16.40
N SER A 209 -13.28 -23.77 -17.45
CA SER A 209 -14.07 -24.92 -17.83
C SER A 209 -13.35 -25.81 -18.85
N GLY A 210 -13.84 -27.03 -18.98
CA GLY A 210 -13.27 -27.98 -19.92
C GLY A 210 -14.39 -28.79 -20.54
N SER A 211 -14.03 -29.65 -21.48
CA SER A 211 -15.01 -30.48 -22.15
C SER A 211 -14.63 -31.95 -22.11
N LEU A 212 -15.34 -32.76 -22.89
CA LEU A 212 -15.05 -34.17 -22.97
C LEU A 212 -13.74 -34.31 -23.73
N GLY A 213 -13.62 -33.57 -24.82
CA GLY A 213 -12.41 -33.65 -25.62
C GLY A 213 -11.47 -32.48 -25.48
N GLY A 214 -11.91 -31.43 -24.77
CA GLY A 214 -11.10 -30.25 -24.57
C GLY A 214 -10.68 -30.11 -23.12
N ARG A 215 -9.36 -30.16 -22.88
CA ARG A 215 -8.82 -30.04 -21.53
C ARG A 215 -7.40 -29.48 -21.56
N GLN A 216 -7.03 -28.86 -20.43
CA GLN A 216 -5.72 -28.26 -20.25
C GLN A 216 -5.64 -27.72 -18.84
N ILE A 217 -4.45 -27.33 -18.41
CA ILE A 217 -4.29 -26.81 -17.08
C ILE A 217 -4.52 -25.33 -17.13
N HIS A 218 -5.18 -24.81 -16.10
CA HIS A 218 -5.49 -23.39 -16.00
C HIS A 218 -4.96 -22.87 -14.68
N LEU A 219 -3.82 -22.19 -14.72
CA LEU A 219 -3.17 -21.68 -13.51
C LEU A 219 -3.23 -20.18 -13.25
N ILE A 220 -3.76 -19.81 -12.09
CA ILE A 220 -3.84 -18.41 -11.69
C ILE A 220 -2.67 -18.28 -10.71
N ARG A 221 -1.60 -17.66 -11.16
CA ARG A 221 -0.39 -17.49 -10.38
C ARG A 221 -0.46 -16.34 -9.40
N SER A 222 -1.05 -15.22 -9.81
CA SER A 222 -1.13 -14.11 -8.88
C SER A 222 -2.28 -13.18 -9.19
N TRP A 223 -2.66 -12.39 -8.18
CA TRP A 223 -3.74 -11.44 -8.36
C TRP A 223 -3.65 -10.25 -7.40
N SER A 224 -3.79 -9.07 -7.96
CA SER A 224 -3.77 -7.84 -7.18
C SER A 224 -4.92 -6.97 -7.70
N PHE A 225 -5.79 -6.54 -6.79
CA PHE A 225 -6.94 -5.71 -7.14
C PHE A 225 -7.08 -4.52 -6.24
N THR A 226 -7.59 -3.44 -6.83
CA THR A 226 -7.84 -2.22 -6.10
C THR A 226 -8.97 -1.43 -6.76
N SER A 227 -9.98 -1.08 -5.96
CA SER A 227 -11.14 -0.31 -6.42
C SER A 227 -11.38 0.83 -5.47
N THR A 228 -11.78 1.97 -6.01
CA THR A 228 -12.07 3.12 -5.17
C THR A 228 -13.42 3.70 -5.55
N LEU A 229 -14.29 3.84 -4.54
CA LEU A 229 -15.61 4.40 -4.75
C LEU A 229 -15.78 5.74 -4.05
N ILE A 230 -15.79 6.78 -4.85
CA ILE A 230 -15.95 8.13 -4.35
C ILE A 230 -17.37 8.28 -3.81
N THR A 231 -17.47 8.81 -2.59
CA THR A 231 -18.76 9.03 -1.94
C THR A 231 -18.78 10.28 -1.08
N THR A 232 -19.27 11.38 -1.63
CA THR A 232 -19.36 12.63 -0.91
C THR A 232 -19.91 13.70 -1.84
N ALA B 1 3.55 -14.46 1.36
CA ALA B 1 2.84 -14.66 2.66
C ALA B 1 1.38 -14.24 2.51
N GLU B 2 0.54 -14.63 3.46
CA GLU B 2 -0.88 -14.32 3.45
C GLU B 2 -1.08 -13.00 4.22
N THR B 3 -1.50 -11.93 3.54
CA THR B 3 -1.66 -10.66 4.22
C THR B 3 -3.00 -9.99 4.02
N VAL B 4 -3.56 -9.44 5.10
CA VAL B 4 -4.84 -8.72 5.08
C VAL B 4 -4.55 -7.23 5.38
N SER B 5 -5.10 -6.31 4.59
CA SER B 5 -4.83 -4.92 4.89
C SER B 5 -5.91 -4.03 4.31
N PHE B 6 -6.53 -3.26 5.21
CA PHE B 6 -7.60 -2.36 4.84
C PHE B 6 -7.32 -0.98 5.44
N ASN B 7 -8.08 0.03 5.03
CA ASN B 7 -7.87 1.36 5.57
C ASN B 7 -9.11 2.22 5.46
N PHE B 8 -9.56 2.76 6.59
CA PHE B 8 -10.75 3.60 6.62
C PHE B 8 -10.43 4.98 7.18
N ASN B 9 -10.59 6.02 6.38
CA ASN B 9 -10.38 7.38 6.85
C ASN B 9 -11.74 8.02 7.13
N SER B 10 -12.79 7.30 6.69
CA SER B 10 -14.17 7.73 6.87
C SER B 10 -15.05 6.47 6.83
N PHE B 11 -16.31 6.60 7.21
CA PHE B 11 -17.21 5.46 7.17
C PHE B 11 -18.53 5.88 6.52
N SER B 12 -19.36 4.91 6.19
CA SER B 12 -20.67 5.15 5.57
C SER B 12 -21.43 3.84 5.59
N GLU B 13 -22.70 3.87 5.98
CA GLU B 13 -23.48 2.66 6.03
C GLU B 13 -23.49 2.07 4.65
N GLY B 14 -23.84 0.80 4.55
CA GLY B 14 -23.90 0.16 3.25
C GLY B 14 -22.62 -0.41 2.70
N ASN B 15 -21.50 -0.10 3.35
CA ASN B 15 -20.21 -0.63 2.92
C ASN B 15 -20.18 -2.08 3.36
N PRO B 16 -20.06 -2.99 2.40
CA PRO B 16 -20.04 -4.41 2.76
C PRO B 16 -18.83 -4.86 3.53
N ALA B 17 -17.88 -3.95 3.73
CA ALA B 17 -16.67 -4.30 4.44
C ALA B 17 -16.83 -4.20 5.97
N ILE B 18 -17.93 -3.61 6.42
CA ILE B 18 -18.17 -3.42 7.85
C ILE B 18 -19.57 -3.83 8.32
N ASN B 19 -19.63 -4.57 9.43
CA ASN B 19 -20.91 -5.01 10.01
C ASN B 19 -21.22 -4.16 11.26
N PHE B 20 -22.44 -3.63 11.35
CA PHE B 20 -22.83 -2.82 12.49
C PHE B 20 -23.79 -3.56 13.42
N GLN B 21 -23.32 -3.87 14.63
CA GLN B 21 -24.13 -4.57 15.61
C GLN B 21 -24.45 -3.63 16.75
N GLY B 22 -25.72 -3.35 16.99
CA GLY B 22 -26.07 -2.50 18.11
C GLY B 22 -26.50 -1.09 17.78
N ASP B 23 -26.26 -0.18 18.72
CA ASP B 23 -26.63 1.20 18.54
C ASP B 23 -25.60 1.97 17.74
N VAL B 24 -24.93 1.31 16.81
CA VAL B 24 -23.94 2.02 16.01
C VAL B 24 -24.66 2.88 14.99
N THR B 25 -24.27 4.15 14.95
CA THR B 25 -24.84 5.13 14.02
C THR B 25 -23.73 5.88 13.28
N VAL B 26 -23.77 5.84 11.96
CA VAL B 26 -22.77 6.53 11.16
C VAL B 26 -23.17 8.00 10.90
N LEU B 27 -22.32 8.92 11.32
CA LEU B 27 -22.61 10.33 11.15
C LEU B 27 -22.41 10.80 9.73
N SER B 28 -23.05 11.92 9.42
CA SER B 28 -22.99 12.52 8.11
C SER B 28 -21.62 13.12 7.83
N ASN B 29 -20.62 12.68 8.58
CA ASN B 29 -19.27 13.20 8.36
C ASN B 29 -18.26 12.07 8.37
N GLY B 30 -18.72 10.87 8.01
CA GLY B 30 -17.83 9.72 7.96
C GLY B 30 -17.26 9.26 9.29
N ASN B 31 -17.97 9.56 10.38
CA ASN B 31 -17.53 9.18 11.70
C ASN B 31 -18.50 8.18 12.27
N ILE B 32 -17.98 7.22 13.02
CA ILE B 32 -18.83 6.21 13.62
C ILE B 32 -19.11 6.56 15.06
N GLN B 33 -20.38 6.56 15.44
CA GLN B 33 -20.80 6.81 16.82
C GLN B 33 -21.23 5.45 17.36
N LEU B 34 -20.55 4.96 18.37
CA LEU B 34 -20.89 3.65 18.89
C LEU B 34 -22.12 3.48 19.77
N THR B 35 -22.46 4.48 20.58
CA THR B 35 -23.63 4.33 21.47
C THR B 35 -24.73 5.35 21.30
N ASN B 36 -25.95 4.95 21.69
CA ASN B 36 -27.11 5.82 21.62
C ASN B 36 -27.22 6.54 22.96
N LEU B 37 -27.26 7.86 22.90
CA LEU B 37 -27.34 8.67 24.09
C LEU B 37 -28.70 8.67 24.77
N ASN B 38 -29.75 8.33 24.04
CA ASN B 38 -31.07 8.35 24.64
C ASN B 38 -31.54 7.00 25.14
N LYS B 39 -30.61 6.09 25.35
CA LYS B 39 -30.98 4.77 25.83
C LYS B 39 -30.28 4.39 27.13
N VAL B 40 -30.93 3.50 27.88
CA VAL B 40 -30.39 2.96 29.11
C VAL B 40 -29.68 1.71 28.60
N ASN B 41 -28.44 1.51 29.01
CA ASN B 41 -27.72 0.31 28.58
C ASN B 41 -27.41 0.21 27.10
N SER B 42 -27.22 1.35 26.44
CA SER B 42 -26.87 1.32 25.02
C SER B 42 -25.64 0.43 24.84
N VAL B 43 -25.49 -0.17 23.65
CA VAL B 43 -24.38 -1.04 23.31
C VAL B 43 -24.20 -1.07 21.79
N GLY B 44 -22.98 -0.88 21.34
CA GLY B 44 -22.72 -0.87 19.91
C GLY B 44 -21.34 -1.36 19.50
N ARG B 45 -21.27 -2.08 18.39
CA ARG B 45 -19.99 -2.59 17.94
C ARG B 45 -19.90 -2.38 16.45
N VAL B 46 -18.67 -2.33 15.94
CA VAL B 46 -18.41 -2.17 14.52
C VAL B 46 -17.39 -3.26 14.22
N LEU B 47 -17.63 -4.09 13.21
CA LEU B 47 -16.67 -5.14 12.93
C LEU B 47 -16.25 -5.19 11.48
N TYR B 48 -15.03 -5.65 11.22
CA TYR B 48 -14.55 -5.76 9.85
C TYR B 48 -15.21 -7.03 9.37
N ALA B 49 -16.08 -6.89 8.38
CA ALA B 49 -16.87 -7.95 7.82
C ALA B 49 -16.24 -9.30 7.61
N MET B 50 -15.06 -9.36 7.02
CA MET B 50 -14.45 -10.65 6.73
C MET B 50 -13.68 -11.21 7.91
N PRO B 51 -13.70 -12.54 8.11
CA PRO B 51 -12.98 -13.18 9.22
C PRO B 51 -11.53 -13.25 8.76
N VAL B 52 -10.61 -12.98 9.66
CA VAL B 52 -9.20 -13.04 9.31
C VAL B 52 -8.67 -14.23 10.06
N ARG B 53 -7.97 -15.10 9.34
CA ARG B 53 -7.38 -16.31 9.90
C ARG B 53 -6.08 -15.95 10.63
N ILE B 54 -6.12 -15.77 11.94
CA ILE B 54 -4.90 -15.38 12.64
C ILE B 54 -3.81 -16.44 12.78
N TRP B 55 -4.19 -17.71 12.82
CA TRP B 55 -3.17 -18.75 12.93
C TRP B 55 -3.60 -19.98 12.15
N SER B 56 -2.63 -20.82 11.81
CA SER B 56 -2.88 -22.03 11.04
C SER B 56 -2.61 -23.33 11.80
N SER B 57 -3.63 -24.18 11.88
CA SER B 57 -3.53 -25.45 12.57
C SER B 57 -2.54 -26.33 11.83
N ALA B 58 -2.22 -25.94 10.61
CA ALA B 58 -1.28 -26.66 9.77
C ALA B 58 0.16 -26.16 9.91
N THR B 59 0.35 -24.84 9.80
CA THR B 59 1.67 -24.25 9.91
C THR B 59 2.12 -24.18 11.37
N GLY B 60 1.15 -23.90 12.25
CA GLY B 60 1.43 -23.76 13.68
C GLY B 60 1.78 -22.30 13.93
N ASN B 61 1.89 -21.54 12.84
CA ASN B 61 2.21 -20.12 12.86
C ASN B 61 1.06 -19.23 13.29
N VAL B 62 1.42 -18.03 13.72
CA VAL B 62 0.46 -17.05 14.17
C VAL B 62 0.83 -15.75 13.54
N ALA B 63 -0.16 -15.06 12.95
CA ALA B 63 0.06 -13.79 12.27
C ALA B 63 0.43 -12.64 13.21
N SER B 64 1.15 -11.67 12.67
CA SER B 64 1.53 -10.45 13.37
C SER B 64 0.64 -9.38 12.73
N PHE B 65 0.35 -8.32 13.46
CA PHE B 65 -0.46 -7.28 12.87
C PHE B 65 -0.11 -5.91 13.37
N LEU B 66 -0.32 -4.92 12.52
CA LEU B 66 -0.02 -3.54 12.87
C LEU B 66 -1.28 -2.79 12.56
N THR B 67 -1.98 -2.38 13.61
CA THR B 67 -3.21 -1.64 13.44
C THR B 67 -3.16 -0.38 14.26
N SER B 68 -3.60 0.72 13.67
CA SER B 68 -3.64 2.02 14.33
C SER B 68 -4.98 2.66 14.05
N PHE B 69 -5.49 3.36 15.04
CA PHE B 69 -6.81 3.97 14.90
C PHE B 69 -6.96 5.21 15.73
N SER B 70 -7.99 6.01 15.44
CA SER B 70 -8.21 7.22 16.22
C SER B 70 -9.64 7.33 16.71
N PHE B 71 -9.81 7.88 17.90
CA PHE B 71 -11.16 8.05 18.43
C PHE B 71 -11.33 9.32 19.24
N GLU B 72 -12.56 9.57 19.69
CA GLU B 72 -12.89 10.78 20.45
C GLU B 72 -14.07 10.47 21.35
N MET B 73 -14.04 10.93 22.59
CA MET B 73 -15.14 10.73 23.53
C MET B 73 -15.51 12.06 24.18
N LYS B 74 -16.59 12.68 23.70
CA LYS B 74 -17.01 13.97 24.25
C LYS B 74 -18.08 13.74 25.34
N ASP B 75 -17.99 14.51 26.43
CA ASP B 75 -18.95 14.40 27.52
C ASP B 75 -20.29 15.02 27.19
N ILE B 76 -21.31 14.74 28.01
CA ILE B 76 -22.61 15.34 27.80
C ILE B 76 -23.25 15.79 29.12
N LYS B 77 -23.53 17.08 29.20
CA LYS B 77 -24.13 17.71 30.36
C LYS B 77 -24.97 16.78 31.24
N ASP B 78 -24.69 16.79 32.53
CA ASP B 78 -25.40 15.96 33.52
C ASP B 78 -25.31 14.45 33.27
N TYR B 79 -24.09 13.96 33.01
CA TYR B 79 -23.91 12.54 32.78
C TYR B 79 -22.51 12.06 33.13
N ASP B 80 -22.42 10.86 33.67
CA ASP B 80 -21.12 10.31 34.00
C ASP B 80 -20.48 9.76 32.71
N PRO B 81 -19.24 10.16 32.42
CA PRO B 81 -18.53 9.70 31.22
C PRO B 81 -18.20 8.22 31.29
N ALA B 82 -18.89 7.42 30.47
CA ALA B 82 -18.72 5.98 30.42
C ALA B 82 -19.36 5.41 29.17
N ASP B 83 -19.06 4.14 28.83
CA ASP B 83 -18.15 3.29 29.59
C ASP B 83 -16.75 3.33 29.04
N GLY B 84 -16.63 3.71 27.77
CA GLY B 84 -15.33 3.79 27.12
C GLY B 84 -15.38 2.97 25.85
N ILE B 85 -14.34 3.01 25.04
CA ILE B 85 -14.30 2.25 23.79
C ILE B 85 -13.45 1.02 24.01
N ILE B 86 -13.45 0.09 23.07
CA ILE B 86 -12.63 -1.11 23.18
C ILE B 86 -12.33 -1.70 21.81
N PHE B 87 -11.07 -2.00 21.58
CA PHE B 87 -10.59 -2.60 20.32
C PHE B 87 -10.45 -4.07 20.67
N PHE B 88 -11.16 -4.95 19.95
CA PHE B 88 -11.13 -6.38 20.30
C PHE B 88 -11.11 -7.39 19.16
N ILE B 89 -10.80 -8.63 19.53
CA ILE B 89 -10.71 -9.76 18.63
C ILE B 89 -11.59 -10.86 19.18
N ALA B 90 -12.43 -11.46 18.33
CA ALA B 90 -13.35 -12.49 18.82
C ALA B 90 -13.57 -13.56 17.79
N PRO B 91 -14.21 -14.66 18.19
CA PRO B 91 -14.50 -15.77 17.28
C PRO B 91 -15.40 -15.24 16.17
N GLU B 92 -15.15 -15.66 14.95
CA GLU B 92 -15.93 -15.18 13.81
C GLU B 92 -17.43 -15.15 14.04
N ASP B 93 -17.94 -16.00 14.91
CA ASP B 93 -19.38 -16.08 15.13
C ASP B 93 -19.94 -15.11 16.19
N THR B 94 -19.06 -14.28 16.72
CA THR B 94 -19.39 -13.32 17.78
C THR B 94 -20.71 -12.56 17.68
N GLN B 95 -21.60 -12.78 18.64
CA GLN B 95 -22.85 -12.06 18.67
C GLN B 95 -22.69 -10.91 19.62
N ILE B 96 -23.52 -9.89 19.53
CA ILE B 96 -23.36 -8.77 20.46
C ILE B 96 -23.98 -9.10 21.80
N PRO B 97 -23.12 -9.04 22.87
CA PRO B 97 -23.52 -9.32 24.25
C PRO B 97 -24.85 -8.66 24.63
N ALA B 98 -25.43 -9.18 25.70
CA ALA B 98 -26.68 -8.65 26.22
C ALA B 98 -26.46 -7.25 26.69
N GLY B 99 -27.32 -6.31 26.32
CA GLY B 99 -27.22 -4.93 26.81
C GLY B 99 -27.35 -5.05 28.34
N SER B 100 -26.67 -4.25 29.16
CA SER B 100 -26.78 -4.38 30.62
C SER B 100 -26.97 -2.96 31.08
N ILE B 101 -27.11 -2.68 32.38
CA ILE B 101 -27.46 -1.28 32.67
C ILE B 101 -26.59 -0.41 33.52
N GLY B 102 -26.53 -0.57 34.81
CA GLY B 102 -25.64 0.30 35.51
C GLY B 102 -24.26 -0.06 34.93
N GLY B 103 -24.16 -1.34 34.63
CA GLY B 103 -23.00 -2.04 34.14
C GLY B 103 -22.08 -1.33 33.18
N GLY B 104 -20.94 -1.99 32.99
CA GLY B 104 -19.92 -1.48 32.10
C GLY B 104 -19.14 -2.64 31.49
N THR B 105 -19.83 -3.46 30.72
CA THR B 105 -19.24 -4.62 30.06
C THR B 105 -18.58 -4.24 28.76
N LEU B 106 -18.58 -2.95 28.47
CA LEU B 106 -17.98 -2.47 27.25
C LEU B 106 -18.52 -3.18 26.02
N GLY B 107 -19.68 -3.82 26.15
CA GLY B 107 -20.29 -4.50 25.02
C GLY B 107 -19.62 -5.78 24.53
N VAL B 108 -18.87 -6.45 25.38
CA VAL B 108 -18.19 -7.69 24.99
C VAL B 108 -18.30 -8.82 25.99
N SER B 109 -19.06 -8.62 27.08
CA SER B 109 -19.20 -9.60 28.15
C SER B 109 -20.57 -9.66 28.81
N ASP B 110 -20.79 -10.66 29.68
CA ASP B 110 -22.07 -10.78 30.37
C ASP B 110 -22.09 -9.88 31.60
N THR B 111 -23.16 -9.96 32.39
CA THR B 111 -23.27 -9.14 33.58
C THR B 111 -22.08 -9.37 34.51
N LYS B 112 -21.60 -10.61 34.53
CA LYS B 112 -20.48 -11.02 35.37
C LYS B 112 -19.12 -10.46 34.90
N GLY B 113 -18.99 -10.21 33.61
CA GLY B 113 -17.74 -9.68 33.07
C GLY B 113 -16.96 -10.71 32.28
N ALA B 114 -17.58 -11.86 32.02
CA ALA B 114 -16.95 -12.94 31.25
C ALA B 114 -17.32 -12.83 29.78
N GLY B 115 -16.53 -13.46 28.91
CA GLY B 115 -16.80 -13.40 27.49
C GLY B 115 -15.65 -14.01 26.73
N HIS B 116 -15.88 -14.41 25.48
CA HIS B 116 -14.79 -15.00 24.71
C HIS B 116 -14.25 -14.01 23.68
N PHE B 117 -13.15 -13.36 24.06
CA PHE B 117 -12.50 -12.34 23.24
C PHE B 117 -11.20 -11.88 23.89
N VAL B 118 -10.45 -11.09 23.14
CA VAL B 118 -9.19 -10.55 23.61
C VAL B 118 -9.17 -9.14 23.07
N GLY B 119 -8.93 -8.15 23.93
CA GLY B 119 -8.86 -6.77 23.48
C GLY B 119 -8.12 -5.74 24.33
N VAL B 120 -8.01 -4.53 23.81
CA VAL B 120 -7.38 -3.41 24.51
C VAL B 120 -8.51 -2.47 24.83
N GLU B 121 -8.64 -2.11 26.09
CA GLU B 121 -9.71 -1.22 26.49
C GLU B 121 -9.23 0.17 26.88
N PHE B 122 -10.08 1.16 26.61
CA PHE B 122 -9.84 2.57 26.91
C PHE B 122 -11.01 3.01 27.82
N ASP B 123 -11.00 2.46 29.03
CA ASP B 123 -12.01 2.65 30.07
C ASP B 123 -11.95 3.98 30.83
N THR B 124 -13.08 4.67 30.92
CA THR B 124 -13.15 5.96 31.59
C THR B 124 -14.04 6.02 32.84
N TYR B 125 -14.39 4.87 33.42
CA TYR B 125 -15.24 4.84 34.61
C TYR B 125 -15.04 3.58 35.43
N SER B 126 -14.69 3.77 36.71
CA SER B 126 -14.39 2.66 37.62
C SER B 126 -15.61 1.93 38.15
N ASN B 127 -15.53 0.59 38.16
CA ASN B 127 -16.60 -0.25 38.66
C ASN B 127 -16.01 -1.26 39.65
N SER B 128 -16.24 -1.02 40.93
CA SER B 128 -15.76 -1.94 41.95
C SER B 128 -16.03 -3.39 41.50
N GLU B 129 -17.12 -3.57 40.76
CA GLU B 129 -17.56 -4.87 40.28
C GLU B 129 -16.61 -5.63 39.35
N TYR B 130 -15.70 -4.94 38.69
CA TYR B 130 -14.79 -5.60 37.76
C TYR B 130 -13.33 -5.26 38.07
N ASN B 131 -13.06 -4.77 39.28
CA ASN B 131 -11.70 -4.39 39.67
C ASN B 131 -11.13 -3.11 39.04
N ASP B 132 -11.98 -2.34 38.35
CA ASP B 132 -11.55 -1.11 37.71
C ASP B 132 -10.64 -0.26 38.59
N PRO B 133 -9.40 0.00 38.13
CA PRO B 133 -8.50 0.82 38.91
C PRO B 133 -9.23 2.12 39.29
N PRO B 134 -8.77 2.79 40.37
CA PRO B 134 -9.40 4.04 40.82
C PRO B 134 -9.77 5.02 39.71
N THR B 135 -8.92 5.18 38.69
CA THR B 135 -9.23 6.13 37.63
C THR B 135 -9.12 5.57 36.23
N ASP B 136 -9.31 6.47 35.26
CA ASP B 136 -9.22 6.16 33.84
C ASP B 136 -8.00 5.29 33.57
N HIS B 137 -8.17 4.32 32.68
CA HIS B 137 -7.09 3.41 32.37
C HIS B 137 -7.18 2.78 31.00
N VAL B 138 -6.08 2.18 30.59
CA VAL B 138 -5.99 1.46 29.33
C VAL B 138 -5.70 0.04 29.81
N GLY B 139 -6.45 -0.96 29.32
CA GLY B 139 -6.17 -2.29 29.81
C GLY B 139 -5.99 -3.33 28.72
N ILE B 140 -5.68 -4.55 29.15
CA ILE B 140 -5.50 -5.65 28.23
C ILE B 140 -6.38 -6.75 28.71
N ASP B 141 -7.53 -6.92 28.06
CA ASP B 141 -8.50 -7.92 28.45
C ASP B 141 -8.34 -9.22 27.70
N VAL B 142 -8.57 -10.31 28.42
CA VAL B 142 -8.48 -11.64 27.85
C VAL B 142 -9.64 -12.38 28.48
N ASN B 143 -10.71 -12.49 27.71
CA ASN B 143 -11.92 -13.17 28.14
C ASN B 143 -12.56 -12.60 29.40
N SER B 144 -12.22 -11.37 29.77
CA SER B 144 -12.79 -10.76 30.96
C SER B 144 -12.59 -9.26 30.96
N VAL B 145 -13.63 -8.53 31.37
CA VAL B 145 -13.53 -7.07 31.43
C VAL B 145 -12.68 -6.62 32.64
N ASP B 146 -12.28 -7.60 33.47
CA ASP B 146 -11.40 -7.39 34.63
C ASP B 146 -9.99 -7.51 34.02
N SER B 147 -9.50 -6.43 33.42
CA SER B 147 -8.20 -6.44 32.76
C SER B 147 -7.07 -7.28 33.37
N VAL B 148 -6.33 -7.95 32.51
CA VAL B 148 -5.21 -8.76 32.93
C VAL B 148 -4.17 -7.79 33.45
N LYS B 149 -3.93 -6.71 32.71
CA LYS B 149 -2.99 -5.69 33.13
C LYS B 149 -3.61 -4.34 32.84
N THR B 150 -3.23 -3.31 33.59
CA THR B 150 -3.77 -1.97 33.36
C THR B 150 -2.70 -0.91 33.63
N VAL B 151 -2.87 0.25 33.01
CA VAL B 151 -1.94 1.35 33.17
C VAL B 151 -2.75 2.63 33.28
N PRO B 152 -2.32 3.54 34.17
CA PRO B 152 -3.03 4.80 34.34
C PRO B 152 -3.05 5.63 33.06
N TRP B 153 -4.25 6.05 32.68
CA TRP B 153 -4.43 6.87 31.50
C TRP B 153 -5.42 7.96 31.89
N ASN B 154 -5.54 8.99 31.07
CA ASN B 154 -6.49 10.05 31.37
C ASN B 154 -7.27 10.46 30.11
N SER B 155 -8.58 10.23 30.13
CA SER B 155 -9.41 10.59 28.99
C SER B 155 -9.81 12.06 29.01
N VAL B 156 -9.63 12.73 27.89
CA VAL B 156 -9.97 14.15 27.76
C VAL B 156 -11.08 14.41 26.75
N SER B 157 -12.19 14.96 27.25
CA SER B 157 -13.36 15.22 26.40
C SER B 157 -13.03 16.03 25.17
N GLY B 158 -13.58 15.61 24.03
CA GLY B 158 -13.36 16.29 22.76
C GLY B 158 -11.95 16.21 22.19
N ALA B 159 -11.15 15.31 22.73
CA ALA B 159 -9.79 15.19 22.23
C ALA B 159 -9.68 13.98 21.33
N VAL B 160 -8.99 14.14 20.21
CA VAL B 160 -8.82 13.05 19.27
C VAL B 160 -7.62 12.22 19.70
N VAL B 161 -7.79 10.90 19.84
CA VAL B 161 -6.69 10.06 20.24
C VAL B 161 -6.16 9.18 19.12
N LYS B 162 -4.85 9.01 19.06
CA LYS B 162 -4.24 8.16 18.05
C LYS B 162 -3.69 6.95 18.80
N VAL B 163 -3.95 5.75 18.26
CA VAL B 163 -3.49 4.52 18.89
C VAL B 163 -2.81 3.58 17.91
N THR B 164 -1.56 3.24 18.19
CA THR B 164 -0.84 2.30 17.34
C THR B 164 -0.65 0.97 18.08
N VAL B 165 -1.11 -0.12 17.48
CA VAL B 165 -0.99 -1.45 18.07
C VAL B 165 -0.11 -2.35 17.22
N ILE B 166 0.77 -3.10 17.88
CA ILE B 166 1.67 -4.02 17.21
C ILE B 166 1.59 -5.39 17.89
N TYR B 167 1.55 -6.46 17.12
CA TYR B 167 1.55 -7.80 17.71
C TYR B 167 2.66 -8.60 17.05
N ASP B 168 3.56 -9.12 17.87
CA ASP B 168 4.65 -9.94 17.34
C ASP B 168 4.25 -11.42 17.29
N SER B 169 4.34 -12.03 16.11
CA SER B 169 3.95 -13.42 15.90
C SER B 169 4.65 -14.39 16.83
N SER B 170 5.95 -14.23 16.97
CA SER B 170 6.76 -15.10 17.82
C SER B 170 6.62 -14.80 19.32
N THR B 171 7.19 -13.69 19.75
CA THR B 171 7.16 -13.28 21.15
C THR B 171 5.73 -13.20 21.72
N LYS B 172 4.72 -13.34 20.87
CA LYS B 172 3.33 -13.25 21.28
C LYS B 172 3.06 -12.01 22.14
N THR B 173 3.71 -10.91 21.77
CA THR B 173 3.58 -9.66 22.51
C THR B 173 2.65 -8.66 21.86
N LEU B 174 1.60 -8.28 22.60
CA LEU B 174 0.65 -7.28 22.14
C LEU B 174 1.12 -5.95 22.75
N SER B 175 1.50 -4.99 21.91
CA SER B 175 2.01 -3.70 22.40
C SER B 175 1.23 -2.46 21.94
N VAL B 176 0.62 -1.76 22.88
CA VAL B 176 -0.16 -0.58 22.58
C VAL B 176 0.62 0.71 22.86
N ALA B 177 0.22 1.77 22.17
CA ALA B 177 0.83 3.07 22.33
C ALA B 177 -0.23 4.16 22.15
N VAL B 178 -0.71 4.75 23.24
CA VAL B 178 -1.72 5.80 23.19
C VAL B 178 -1.14 7.23 23.11
N THR B 179 -1.43 7.94 22.02
CA THR B 179 -0.92 9.31 21.88
C THR B 179 -2.04 10.27 22.24
N ASN B 180 -1.81 11.09 23.27
CA ASN B 180 -2.81 12.07 23.72
C ASN B 180 -2.75 13.40 22.95
N ASP B 181 -3.71 14.27 23.21
CA ASP B 181 -3.76 15.57 22.52
C ASP B 181 -2.52 16.45 22.77
N ASN B 182 -2.14 16.60 24.04
CA ASN B 182 -0.97 17.41 24.39
C ASN B 182 0.36 16.90 23.82
N GLY B 183 0.45 15.61 23.52
CA GLY B 183 1.67 15.03 22.97
C GLY B 183 2.12 13.76 23.67
N ASP B 184 2.06 13.78 25.00
CA ASP B 184 2.45 12.65 25.83
C ASP B 184 1.94 11.30 25.33
N ILE B 185 2.75 10.26 25.51
CA ILE B 185 2.36 8.92 25.08
C ILE B 185 2.24 7.96 26.26
N THR B 186 1.22 7.12 26.18
CA THR B 186 0.95 6.12 27.20
C THR B 186 1.17 4.81 26.47
N THR B 187 1.81 3.85 27.12
CA THR B 187 2.05 2.55 26.49
C THR B 187 1.89 1.41 27.51
N ILE B 188 1.43 0.27 26.99
CA ILE B 188 1.23 -0.96 27.76
C ILE B 188 1.53 -2.12 26.83
N ALA B 189 1.92 -3.26 27.39
CA ALA B 189 2.25 -4.42 26.58
C ALA B 189 1.96 -5.69 27.36
N GLN B 190 1.63 -6.75 26.64
CA GLN B 190 1.30 -8.00 27.29
C GLN B 190 1.38 -9.18 26.33
N VAL B 191 1.81 -10.31 26.87
CA VAL B 191 1.90 -11.52 26.09
C VAL B 191 0.50 -12.13 26.12
N VAL B 192 0.04 -12.58 24.95
CA VAL B 192 -1.28 -13.22 24.86
C VAL B 192 -1.15 -14.21 23.72
N ASP B 193 -1.16 -15.50 24.01
CA ASP B 193 -1.08 -16.49 22.94
C ASP B 193 -2.43 -16.44 22.18
N LEU B 194 -2.41 -15.74 21.06
CA LEU B 194 -3.61 -15.62 20.28
C LEU B 194 -4.07 -17.01 19.89
N LYS B 195 -3.10 -17.89 19.63
CA LYS B 195 -3.38 -19.27 19.23
C LYS B 195 -3.95 -20.10 20.37
N ALA B 196 -3.88 -19.54 21.58
CA ALA B 196 -4.38 -20.23 22.76
C ALA B 196 -5.78 -19.80 23.16
N LYS B 197 -6.13 -18.54 22.91
CA LYS B 197 -7.42 -18.04 23.31
C LYS B 197 -8.44 -17.93 22.18
N LEU B 198 -7.95 -17.83 20.96
CA LEU B 198 -8.90 -17.64 19.89
C LEU B 198 -8.88 -18.71 18.84
N PRO B 199 -10.03 -18.95 18.21
CA PRO B 199 -10.11 -19.97 17.17
C PRO B 199 -9.32 -19.46 15.95
N GLU B 200 -9.07 -20.32 14.97
CA GLU B 200 -8.30 -19.93 13.78
C GLU B 200 -8.84 -18.66 13.13
N ARG B 201 -10.15 -18.61 12.90
CA ARG B 201 -10.81 -17.46 12.29
C ARG B 201 -11.47 -16.57 13.34
N VAL B 202 -11.04 -15.31 13.39
CA VAL B 202 -11.56 -14.34 14.34
C VAL B 202 -12.01 -13.11 13.57
N LYS B 203 -12.52 -12.12 14.31
CA LYS B 203 -12.94 -10.88 13.71
C LYS B 203 -12.40 -9.69 14.52
N PHE B 204 -12.03 -8.60 13.84
CA PHE B 204 -11.49 -7.40 14.49
C PHE B 204 -12.53 -6.30 14.50
N GLY B 205 -12.57 -5.53 15.58
CA GLY B 205 -13.53 -4.46 15.71
C GLY B 205 -13.40 -3.61 16.95
N PHE B 206 -14.32 -2.66 17.09
CA PHE B 206 -14.37 -1.73 18.23
C PHE B 206 -15.75 -1.85 18.82
N SER B 207 -15.83 -1.82 20.14
CA SER B 207 -17.11 -1.94 20.83
C SER B 207 -17.22 -0.89 21.91
N ALA B 208 -18.45 -0.66 22.37
CA ALA B 208 -18.68 0.32 23.40
C ALA B 208 -19.94 -0.02 24.16
N SER B 209 -20.20 0.76 25.20
CA SER B 209 -21.38 0.58 26.02
C SER B 209 -21.65 1.80 26.91
N GLY B 210 -22.89 1.86 27.42
CA GLY B 210 -23.30 2.93 28.32
C GLY B 210 -24.17 2.36 29.43
N SER B 211 -24.53 3.20 30.39
CA SER B 211 -25.37 2.77 31.50
C SER B 211 -26.57 3.67 31.66
N LEU B 212 -27.27 3.50 32.77
CA LEU B 212 -28.43 4.31 33.05
C LEU B 212 -27.92 5.69 33.38
N GLY B 213 -26.88 5.73 34.22
CA GLY B 213 -26.34 7.01 34.62
C GLY B 213 -25.05 7.41 33.94
N GLY B 214 -24.44 6.46 33.22
CA GLY B 214 -23.19 6.70 32.51
C GLY B 214 -23.37 6.73 31.02
N ARG B 215 -23.10 7.88 30.41
CA ARG B 215 -23.25 8.04 28.97
C ARG B 215 -22.29 9.10 28.42
N GLN B 216 -21.95 8.97 27.14
CA GLN B 216 -21.07 9.90 26.44
C GLN B 216 -20.98 9.46 24.99
N ILE B 217 -20.39 10.30 24.16
CA ILE B 217 -20.27 9.96 22.75
C ILE B 217 -18.98 9.19 22.54
N HIS B 218 -19.04 8.17 21.68
CA HIS B 218 -17.89 7.33 21.40
C HIS B 218 -17.68 7.33 19.90
N LEU B 219 -16.70 8.12 19.45
CA LEU B 219 -16.42 8.25 18.02
C LEU B 219 -15.16 7.57 17.49
N ILE B 220 -15.33 6.70 16.50
CA ILE B 220 -14.20 6.02 15.85
C ILE B 220 -14.03 6.82 14.55
N ARG B 221 -12.98 7.63 14.51
CA ARG B 221 -12.71 8.49 13.37
C ARG B 221 -11.99 7.79 12.25
N SER B 222 -11.06 6.90 12.57
CA SER B 222 -10.35 6.20 11.51
C SER B 222 -9.76 4.90 11.95
N TRP B 223 -9.44 4.05 10.98
CA TRP B 223 -8.88 2.75 11.30
C TRP B 223 -8.09 2.17 10.13
N SER B 224 -6.90 1.70 10.44
CA SER B 224 -6.06 1.08 9.44
C SER B 224 -5.49 -0.18 10.07
N PHE B 225 -5.62 -1.31 9.40
CA PHE B 225 -5.13 -2.58 9.91
C PHE B 225 -4.39 -3.38 8.85
N THR B 226 -3.40 -4.13 9.31
CA THR B 226 -2.61 -4.98 8.43
C THR B 226 -2.06 -6.12 9.24
N SER B 227 -2.30 -7.34 8.76
CA SER B 227 -1.80 -8.54 9.40
C SER B 227 -1.12 -9.40 8.35
N THR B 228 -0.06 -10.10 8.72
CA THR B 228 0.61 -10.98 7.77
C THR B 228 0.83 -12.34 8.39
N LEU B 229 0.37 -13.39 7.72
CA LEU B 229 0.55 -14.74 8.21
C LEU B 229 1.49 -15.53 7.34
N ILE B 230 2.68 -15.77 7.86
CA ILE B 230 3.69 -16.53 7.15
C ILE B 230 3.23 -17.98 7.03
N THR B 231 3.29 -18.53 5.82
CA THR B 231 2.89 -19.90 5.59
C THR B 231 3.74 -20.57 4.54
N THR B 232 4.74 -21.34 4.97
CA THR B 232 5.63 -22.06 4.08
C THR B 232 6.71 -22.77 4.88
N ALA C 1 3.99 15.17 32.67
CA ALA C 1 5.18 14.27 32.41
C ALA C 1 6.21 14.96 31.52
N GLU C 2 7.41 14.39 31.47
CA GLU C 2 8.50 14.92 30.65
C GLU C 2 8.48 14.26 29.27
N THR C 3 8.14 15.02 28.23
CA THR C 3 8.04 14.44 26.89
C THR C 3 8.85 15.14 25.81
N VAL C 4 9.50 14.34 24.97
CA VAL C 4 10.30 14.81 23.84
C VAL C 4 9.59 14.38 22.55
N SER C 5 9.43 15.28 21.61
CA SER C 5 8.77 14.91 20.37
C SER C 5 9.16 15.85 19.26
N PHE C 6 9.74 15.26 18.21
CA PHE C 6 10.13 15.99 17.00
C PHE C 6 9.54 15.30 15.74
N ASN C 7 9.71 15.92 14.58
CA ASN C 7 9.18 15.32 13.35
C ASN C 7 9.85 15.91 12.12
N PHE C 8 10.45 15.03 11.32
CA PHE C 8 11.15 15.44 10.11
C PHE C 8 10.58 14.77 8.86
N ASN C 9 10.05 15.59 7.96
CA ASN C 9 9.50 15.01 6.73
C ASN C 9 10.49 15.29 5.61
N SER C 10 11.47 16.12 5.95
CA SER C 10 12.57 16.49 5.07
C SER C 10 13.79 16.84 5.95
N PHE C 11 14.92 17.01 5.29
CA PHE C 11 16.13 17.41 6.00
C PHE C 11 16.86 18.46 5.18
N SER C 12 17.82 19.11 5.83
CA SER C 12 18.62 20.16 5.21
C SER C 12 19.76 20.44 6.18
N GLU C 13 20.97 20.56 5.65
CA GLU C 13 22.12 20.88 6.47
C GLU C 13 21.85 22.21 7.18
N GLY C 14 22.60 22.46 8.25
CA GLY C 14 22.41 23.71 8.98
C GLY C 14 21.31 23.71 10.03
N ASN C 15 20.50 22.66 10.03
CA ASN C 15 19.47 22.58 11.04
C ASN C 15 20.15 22.18 12.35
N PRO C 16 20.10 23.06 13.35
CA PRO C 16 20.75 22.75 14.64
C PRO C 16 20.18 21.53 15.43
N ALA C 17 19.09 20.97 14.91
CA ALA C 17 18.41 19.85 15.55
C ALA C 17 19.05 18.50 15.19
N ILE C 18 19.92 18.53 14.19
CA ILE C 18 20.57 17.32 13.74
C ILE C 18 22.09 17.40 13.55
N ASN C 19 22.82 16.42 14.08
CA ASN C 19 24.29 16.37 13.96
C ASN C 19 24.71 15.32 12.92
N PHE C 20 25.52 15.74 11.94
CA PHE C 20 25.99 14.82 10.91
C PHE C 20 27.45 14.33 11.12
N GLN C 21 27.60 13.05 11.47
CA GLN C 21 28.92 12.43 11.68
C GLN C 21 29.24 11.45 10.55
N GLY C 22 30.30 11.71 9.80
CA GLY C 22 30.65 10.79 8.73
C GLY C 22 30.31 11.23 7.32
N ASP C 23 30.14 10.25 6.46
CA ASP C 23 29.86 10.54 5.07
C ASP C 23 28.40 10.89 4.80
N VAL C 24 27.77 11.51 5.78
CA VAL C 24 26.37 11.87 5.61
C VAL C 24 26.26 13.05 4.67
N THR C 25 25.44 12.90 3.64
CA THR C 25 25.22 13.97 2.66
C THR C 25 23.72 14.20 2.46
N VAL C 26 23.28 15.44 2.63
CA VAL C 26 21.86 15.79 2.47
C VAL C 26 21.55 16.14 1.03
N LEU C 27 20.62 15.41 0.44
CA LEU C 27 20.22 15.63 -0.94
C LEU C 27 19.35 16.85 -1.17
N SER C 28 19.39 17.36 -2.39
CA SER C 28 18.64 18.56 -2.75
C SER C 28 17.16 18.28 -2.77
N ASN C 29 16.77 17.23 -2.07
CA ASN C 29 15.36 16.86 -2.01
C ASN C 29 14.91 16.48 -0.61
N GLY C 30 15.61 17.04 0.38
CA GLY C 30 15.28 16.80 1.78
C GLY C 30 15.49 15.37 2.22
N ASN C 31 16.35 14.64 1.51
CA ASN C 31 16.61 13.24 1.87
C ASN C 31 18.01 13.09 2.35
N ILE C 32 18.16 12.25 3.36
CA ILE C 32 19.48 12.00 3.89
C ILE C 32 20.15 10.76 3.27
N GLN C 33 21.36 10.93 2.77
CA GLN C 33 22.16 9.82 2.21
C GLN C 33 23.28 9.52 3.22
N LEU C 34 23.24 8.34 3.80
CA LEU C 34 24.21 7.97 4.83
C LEU C 34 25.64 7.64 4.46
N THR C 35 25.85 6.95 3.33
CA THR C 35 27.21 6.60 2.90
C THR C 35 27.68 7.20 1.55
N ASN C 36 29.01 7.33 1.43
CA ASN C 36 29.66 7.82 0.21
C ASN C 36 29.96 6.62 -0.69
N LEU C 37 29.44 6.66 -1.90
CA LEU C 37 29.61 5.59 -2.86
C LEU C 37 31.02 5.45 -3.43
N ASN C 38 31.78 6.52 -3.40
CA ASN C 38 33.11 6.47 -3.96
C ASN C 38 34.21 6.23 -2.94
N LYS C 39 33.86 5.70 -1.77
CA LYS C 39 34.85 5.44 -0.76
C LYS C 39 34.88 3.98 -0.31
N VAL C 40 36.04 3.58 0.18
CA VAL C 40 36.22 2.24 0.69
C VAL C 40 35.92 2.48 2.14
N ASN C 41 35.11 1.61 2.74
CA ASN C 41 34.78 1.72 4.16
C ASN C 41 33.97 2.98 4.58
N SER C 42 33.16 3.49 3.67
CA SER C 42 32.36 4.66 3.98
C SER C 42 31.60 4.41 5.30
N VAL C 43 31.33 5.47 6.04
CA VAL C 43 30.61 5.39 7.30
C VAL C 43 29.91 6.73 7.56
N GLY C 44 28.63 6.66 7.88
CA GLY C 44 27.84 7.86 8.13
C GLY C 44 26.73 7.69 9.16
N ARG C 45 26.55 8.67 10.03
CA ARG C 45 25.49 8.62 11.03
C ARG C 45 24.76 9.95 11.10
N VAL C 46 23.51 9.91 11.53
CA VAL C 46 22.74 11.13 11.68
C VAL C 46 22.15 11.05 13.08
N LEU C 47 22.35 12.10 13.85
CA LEU C 47 21.84 12.08 15.21
C LEU C 47 20.98 13.26 15.57
N TYR C 48 20.00 12.98 16.43
CA TYR C 48 19.14 14.05 16.96
C TYR C 48 20.03 14.80 17.96
N ALA C 49 20.34 16.06 17.61
CA ALA C 49 21.22 16.95 18.41
C ALA C 49 21.14 16.89 19.95
N MET C 50 19.94 17.05 20.49
CA MET C 50 19.77 17.04 21.92
C MET C 50 19.75 15.66 22.58
N PRO C 51 20.39 15.54 23.74
CA PRO C 51 20.40 14.24 24.43
C PRO C 51 19.02 14.10 25.10
N VAL C 52 18.49 12.89 25.05
CA VAL C 52 17.20 12.61 25.68
C VAL C 52 17.45 11.75 26.91
N ARG C 53 16.92 12.21 28.02
CA ARG C 53 17.10 11.50 29.26
C ARG C 53 16.11 10.36 29.32
N ILE C 54 16.53 9.16 28.97
CA ILE C 54 15.63 8.00 28.96
C ILE C 54 15.14 7.47 30.31
N TRP C 55 15.96 7.61 31.34
CA TRP C 55 15.58 7.16 32.68
C TRP C 55 16.17 8.06 33.79
N SER C 56 15.50 8.03 34.94
CA SER C 56 15.90 8.86 36.06
C SER C 56 16.41 8.07 37.26
N SER C 57 17.65 8.39 37.64
CA SER C 57 18.33 7.74 38.77
C SER C 57 17.54 8.07 40.04
N ALA C 58 16.66 9.06 39.92
CA ALA C 58 15.81 9.51 41.01
C ALA C 58 14.49 8.76 41.11
N THR C 59 13.77 8.79 39.99
CA THR C 59 12.47 8.16 39.88
C THR C 59 12.61 6.66 39.77
N GLY C 60 13.63 6.21 39.05
CA GLY C 60 13.83 4.77 38.91
C GLY C 60 13.07 4.37 37.65
N ASN C 61 12.32 5.34 37.12
CA ASN C 61 11.52 5.17 35.92
C ASN C 61 12.33 5.18 34.60
N VAL C 62 11.70 4.62 33.59
CA VAL C 62 12.27 4.56 32.25
C VAL C 62 11.22 5.02 31.24
N ALA C 63 11.63 5.91 30.36
CA ALA C 63 10.69 6.42 29.38
C ALA C 63 10.25 5.38 28.35
N SER C 64 9.07 5.60 27.78
CA SER C 64 8.53 4.78 26.70
C SER C 64 8.67 5.69 25.46
N PHE C 65 8.76 5.10 24.27
CA PHE C 65 8.85 5.92 23.08
C PHE C 65 8.25 5.26 21.88
N LEU C 66 7.70 6.11 21.02
CA LEU C 66 7.05 5.71 19.80
C LEU C 66 7.69 6.45 18.65
N THR C 67 8.55 5.75 17.92
CA THR C 67 9.21 6.37 16.81
C THR C 67 8.96 5.60 15.52
N SER C 68 8.70 6.32 14.44
CA SER C 68 8.47 5.65 13.15
C SER C 68 9.26 6.44 12.12
N PHE C 69 9.80 5.71 11.13
CA PHE C 69 10.65 6.28 10.09
C PHE C 69 10.57 5.48 8.80
N SER C 70 11.06 6.11 7.74
CA SER C 70 11.06 5.49 6.42
C SER C 70 12.40 5.62 5.73
N PHE C 71 12.80 4.57 5.04
CA PHE C 71 14.06 4.61 4.32
C PHE C 71 14.01 3.92 2.98
N GLU C 72 15.12 3.98 2.26
CA GLU C 72 15.22 3.36 0.94
C GLU C 72 16.67 2.97 0.66
N MET C 73 16.89 1.78 0.07
CA MET C 73 18.23 1.33 -0.25
C MET C 73 18.28 0.86 -1.69
N LYS C 74 18.83 1.67 -2.59
CA LYS C 74 18.87 1.31 -4.00
C LYS C 74 20.25 0.73 -4.31
N ASP C 75 20.28 -0.31 -5.15
CA ASP C 75 21.54 -0.95 -5.52
C ASP C 75 22.30 -0.13 -6.54
N ILE C 76 23.56 -0.47 -6.75
CA ILE C 76 24.38 0.21 -7.74
C ILE C 76 25.21 -0.76 -8.56
N LYS C 77 25.00 -0.74 -9.88
CA LYS C 77 25.70 -1.59 -10.85
C LYS C 77 27.10 -2.06 -10.40
N ASP C 78 27.33 -3.38 -10.47
CA ASP C 78 28.62 -4.00 -10.09
C ASP C 78 29.02 -3.79 -8.62
N TYR C 79 28.09 -4.03 -7.71
CA TYR C 79 28.38 -3.87 -6.29
C TYR C 79 27.48 -4.69 -5.39
N ASP C 80 28.05 -5.18 -4.29
CA ASP C 80 27.29 -5.97 -3.34
C ASP C 80 26.49 -5.02 -2.44
N PRO C 81 25.18 -5.22 -2.37
CA PRO C 81 24.34 -4.37 -1.52
C PRO C 81 24.67 -4.55 -0.05
N ALA C 82 25.27 -3.52 0.52
CA ALA C 82 25.66 -3.53 1.93
C ALA C 82 25.98 -2.12 2.34
N ASP C 83 26.08 -1.89 3.65
CA ASP C 83 25.88 -2.91 4.70
C ASP C 83 24.45 -2.95 5.29
N GLY C 84 23.72 -1.84 5.10
CA GLY C 84 22.35 -1.73 5.60
C GLY C 84 22.27 -0.53 6.51
N ILE C 85 21.06 -0.18 6.93
CA ILE C 85 20.88 0.94 7.85
C ILE C 85 20.70 0.42 9.27
N ILE C 86 20.70 1.34 10.24
CA ILE C 86 20.50 0.98 11.65
C ILE C 86 19.99 2.14 12.49
N PHE C 87 18.95 1.87 13.25
CA PHE C 87 18.35 2.88 14.09
C PHE C 87 18.93 2.53 15.45
N PHE C 88 19.64 3.46 16.10
CA PHE C 88 20.25 3.15 17.39
C PHE C 88 20.18 4.21 18.50
N ILE C 89 20.54 3.75 19.69
CA ILE C 89 20.59 4.57 20.89
C ILE C 89 21.99 4.41 21.49
N ALA C 90 22.61 5.53 21.81
CA ALA C 90 23.96 5.50 22.39
C ALA C 90 24.19 6.57 23.49
N PRO C 91 25.31 6.44 24.23
CA PRO C 91 25.64 7.40 25.29
C PRO C 91 25.79 8.77 24.55
N GLU C 92 25.29 9.82 25.18
CA GLU C 92 25.34 11.18 24.61
C GLU C 92 26.68 11.58 23.99
N ASP C 93 27.77 11.01 24.51
CA ASP C 93 29.14 11.31 24.04
C ASP C 93 29.60 10.51 22.82
N THR C 94 28.72 9.66 22.33
CA THR C 94 29.01 8.80 21.18
C THR C 94 29.79 9.40 19.98
N GLN C 95 30.99 8.86 19.76
CA GLN C 95 31.83 9.26 18.63
C GLN C 95 31.57 8.28 17.52
N ILE C 96 31.81 8.69 16.28
CA ILE C 96 31.57 7.74 15.18
C ILE C 96 32.71 6.75 15.05
N PRO C 97 32.36 5.44 15.19
CA PRO C 97 33.33 4.32 15.12
C PRO C 97 34.31 4.46 13.96
N ALA C 98 35.42 3.74 14.12
CA ALA C 98 36.47 3.69 13.11
C ALA C 98 35.94 3.11 11.82
N GLY C 99 36.15 3.79 10.70
CA GLY C 99 35.70 3.27 9.42
C GLY C 99 36.41 1.92 9.29
N SER C 100 35.81 0.88 8.70
CA SER C 100 36.48 -0.42 8.59
C SER C 100 36.27 -0.81 7.13
N ILE C 101 36.76 -1.96 6.66
CA ILE C 101 36.62 -2.11 5.21
C ILE C 101 35.85 -3.24 4.59
N GLY C 102 36.35 -4.44 4.58
CA GLY C 102 35.53 -5.47 4.01
C GLY C 102 34.30 -5.42 4.91
N GLY C 103 34.58 -5.16 6.18
CA GLY C 103 33.67 -5.11 7.30
C GLY C 103 32.26 -4.61 7.12
N GLY C 104 31.47 -4.87 8.15
CA GLY C 104 30.07 -4.45 8.15
C GLY C 104 29.68 -4.20 9.58
N THR C 105 30.29 -3.17 10.18
CA THR C 105 30.03 -2.78 11.56
C THR C 105 28.83 -1.83 11.63
N LEU C 106 28.23 -1.57 10.47
CA LEU C 106 27.07 -0.69 10.36
C LEU C 106 27.35 0.69 11.00
N GLY C 107 28.63 1.02 11.16
CA GLY C 107 29.03 2.29 11.76
C GLY C 107 28.79 2.50 13.25
N VAL C 108 28.71 1.42 14.02
CA VAL C 108 28.48 1.58 15.46
C VAL C 108 29.34 0.68 16.33
N SER C 109 30.28 -0.05 15.71
CA SER C 109 31.15 -0.95 16.47
C SER C 109 32.57 -1.01 15.89
N ASP C 110 33.46 -1.70 16.61
CA ASP C 110 34.85 -1.86 16.20
C ASP C 110 34.97 -3.02 15.20
N THR C 111 36.18 -3.30 14.77
CA THR C 111 36.41 -4.38 13.82
C THR C 111 35.83 -5.70 14.39
N LYS C 112 35.91 -5.86 15.70
CA LYS C 112 35.42 -7.06 16.38
C LYS C 112 33.89 -7.15 16.41
N GLY C 113 33.23 -6.00 16.36
CA GLY C 113 31.77 -5.99 16.39
C GLY C 113 31.20 -5.55 17.72
N ALA C 114 32.07 -5.06 18.61
CA ALA C 114 31.65 -4.59 19.93
C ALA C 114 31.37 -3.09 19.86
N GLY C 115 30.66 -2.59 20.86
CA GLY C 115 30.34 -1.18 20.89
C GLY C 115 29.33 -0.90 21.99
N HIS C 116 29.23 0.34 22.44
CA HIS C 116 28.28 0.67 23.50
C HIS C 116 27.07 1.39 22.91
N PHE C 117 26.00 0.63 22.68
CA PHE C 117 24.76 1.11 22.07
C PHE C 117 23.70 -0.02 22.05
N VAL C 118 22.48 0.37 21.68
CA VAL C 118 21.36 -0.54 21.54
C VAL C 118 20.62 -0.09 20.28
N GLY C 119 20.39 -1.00 19.34
CA GLY C 119 19.68 -0.62 18.13
C GLY C 119 19.00 -1.73 17.34
N VAL C 120 18.23 -1.32 16.34
CA VAL C 120 17.50 -2.23 15.48
C VAL C 120 18.19 -2.14 14.15
N GLU C 121 18.61 -3.26 13.60
CA GLU C 121 19.29 -3.18 12.35
C GLU C 121 18.50 -3.75 11.18
N PHE C 122 18.77 -3.21 10.01
CA PHE C 122 18.12 -3.62 8.76
C PHE C 122 19.24 -4.01 7.81
N ASP C 123 19.87 -5.14 8.16
CA ASP C 123 21.04 -5.72 7.50
C ASP C 123 20.74 -6.46 6.21
N THR C 124 21.49 -6.13 5.16
CA THR C 124 21.29 -6.74 3.83
C THR C 124 22.48 -7.57 3.28
N TYR C 125 23.43 -7.93 4.15
CA TYR C 125 24.62 -8.70 3.74
C TYR C 125 25.21 -9.53 4.87
N SER C 126 25.33 -10.82 4.63
CA SER C 126 25.81 -11.73 5.65
C SER C 126 27.32 -11.73 5.79
N ASN C 127 27.78 -11.76 7.04
CA ASN C 127 29.20 -11.78 7.41
C ASN C 127 29.43 -12.90 8.44
N SER C 128 30.02 -14.00 7.98
CA SER C 128 30.32 -15.14 8.85
C SER C 128 30.94 -14.62 10.14
N GLU C 129 31.68 -13.51 10.01
CA GLU C 129 32.38 -12.83 11.10
C GLU C 129 31.53 -12.31 12.27
N TYR C 130 30.24 -12.04 12.02
CA TYR C 130 29.35 -11.55 13.08
C TYR C 130 28.09 -12.40 13.25
N ASN C 131 28.12 -13.64 12.77
CA ASN C 131 26.97 -14.55 12.86
C ASN C 131 25.76 -14.19 11.99
N ASP C 132 25.95 -13.27 11.04
CA ASP C 132 24.86 -12.83 10.15
C ASP C 132 24.09 -14.03 9.58
N PRO C 133 22.76 -14.06 9.81
CA PRO C 133 21.96 -15.17 9.29
C PRO C 133 22.21 -15.28 7.79
N PRO C 134 21.96 -16.46 7.18
CA PRO C 134 22.20 -16.66 5.74
C PRO C 134 21.77 -15.50 4.82
N THR C 135 20.62 -14.89 5.12
CA THR C 135 20.10 -13.81 4.31
C THR C 135 19.71 -12.55 5.03
N ASP C 136 19.16 -11.62 4.27
CA ASP C 136 18.72 -10.33 4.77
C ASP C 136 17.91 -10.51 6.05
N HIS C 137 18.13 -9.62 7.01
CA HIS C 137 17.43 -9.73 8.27
C HIS C 137 17.28 -8.41 9.01
N VAL C 138 16.42 -8.44 10.02
CA VAL C 138 16.17 -7.27 10.86
C VAL C 138 16.61 -7.81 12.21
N GLY C 139 17.44 -7.07 12.92
CA GLY C 139 17.87 -7.58 14.19
C GLY C 139 17.73 -6.61 15.33
N ILE C 140 18.08 -7.11 16.50
CA ILE C 140 18.05 -6.32 17.73
C ILE C 140 19.44 -6.43 18.37
N ASP C 141 20.23 -5.38 18.16
CA ASP C 141 21.59 -5.34 18.69
C ASP C 141 21.65 -4.70 20.06
N VAL C 142 22.50 -5.26 20.91
CA VAL C 142 22.74 -4.76 22.25
C VAL C 142 24.26 -4.84 22.47
N ASN C 143 24.92 -3.72 22.23
CA ASN C 143 26.37 -3.62 22.38
C ASN C 143 27.16 -4.56 21.45
N SER C 144 26.51 -5.05 20.40
CA SER C 144 27.19 -5.95 19.47
C SER C 144 26.42 -6.08 18.16
N VAL C 145 27.14 -6.01 17.02
CA VAL C 145 26.53 -6.17 15.70
C VAL C 145 26.10 -7.64 15.45
N ASP C 146 26.42 -8.51 16.42
CA ASP C 146 26.04 -9.92 16.43
C ASP C 146 24.70 -9.93 17.16
N SER C 147 23.64 -9.57 16.42
CA SER C 147 22.29 -9.45 16.94
C SER C 147 21.89 -10.46 18.01
N VAL C 148 21.18 -9.94 18.99
CA VAL C 148 20.68 -10.74 20.10
C VAL C 148 19.62 -11.65 19.53
N LYS C 149 18.73 -11.07 18.71
CA LYS C 149 17.68 -11.82 18.05
C LYS C 149 17.58 -11.34 16.62
N THR C 150 17.15 -12.18 15.70
CA THR C 150 17.00 -11.77 14.32
C THR C 150 15.80 -12.46 13.70
N VAL C 151 15.26 -11.86 12.64
CA VAL C 151 14.12 -12.40 11.95
C VAL C 151 14.35 -12.21 10.46
N PRO C 152 13.97 -13.22 9.65
CA PRO C 152 14.16 -13.12 8.21
C PRO C 152 13.41 -11.97 7.59
N TRP C 153 14.12 -11.16 6.81
CA TRP C 153 13.51 -10.02 6.14
C TRP C 153 14.07 -10.03 4.74
N ASN C 154 13.48 -9.25 3.85
CA ASN C 154 13.95 -9.15 2.48
C ASN C 154 14.00 -7.69 1.98
N SER C 155 15.21 -7.21 1.71
CA SER C 155 15.41 -5.85 1.24
C SER C 155 15.21 -5.73 -0.26
N VAL C 156 14.37 -4.79 -0.67
CA VAL C 156 14.07 -4.59 -2.08
C VAL C 156 14.55 -3.23 -2.57
N SER C 157 15.46 -3.27 -3.55
CA SER C 157 16.05 -2.05 -4.12
C SER C 157 15.03 -1.03 -4.61
N GLY C 158 15.23 0.23 -4.24
CA GLY C 158 14.34 1.29 -4.67
C GLY C 158 13.00 1.27 -4.00
N ALA C 159 12.85 0.51 -2.92
CA ALA C 159 11.56 0.45 -2.24
C ALA C 159 11.58 1.24 -0.97
N VAL C 160 10.54 2.02 -0.73
CA VAL C 160 10.46 2.83 0.47
C VAL C 160 9.91 1.97 1.61
N VAL C 161 10.59 1.94 2.74
CA VAL C 161 10.12 1.13 3.84
C VAL C 161 9.60 1.98 4.99
N LYS C 162 8.53 1.54 5.64
CA LYS C 162 7.99 2.29 6.76
C LYS C 162 8.26 1.44 7.98
N VAL C 163 8.76 2.04 9.05
CA VAL C 163 9.07 1.31 10.28
C VAL C 163 8.48 1.97 11.53
N THR C 164 7.71 1.20 12.30
CA THR C 164 7.12 1.74 13.52
C THR C 164 7.74 0.97 14.68
N VAL C 165 8.33 1.71 15.61
CA VAL C 165 8.96 1.17 16.80
C VAL C 165 8.24 1.67 18.08
N ILE C 166 8.02 0.73 19.00
CA ILE C 166 7.37 1.03 20.27
C ILE C 166 8.19 0.45 21.43
N TYR C 167 8.40 1.23 22.47
CA TYR C 167 9.14 0.73 23.63
C TYR C 167 8.25 0.93 24.84
N ASP C 168 7.98 -0.16 25.58
CA ASP C 168 7.16 -0.10 26.80
C ASP C 168 8.04 0.11 28.03
N SER C 169 7.76 1.19 28.75
CA SER C 169 8.52 1.56 29.95
C SER C 169 8.63 0.45 30.97
N SER C 170 7.50 -0.18 31.26
CA SER C 170 7.48 -1.25 32.25
C SER C 170 8.02 -2.57 31.75
N THR C 171 7.28 -3.19 30.84
CA THR C 171 7.66 -4.48 30.27
C THR C 171 9.06 -4.49 29.60
N LYS C 172 9.65 -3.30 29.46
CA LYS C 172 10.96 -3.10 28.83
C LYS C 172 11.02 -3.84 27.49
N THR C 173 9.93 -3.78 26.73
CA THR C 173 9.79 -4.49 25.45
C THR C 173 9.94 -3.58 24.25
N LEU C 174 10.95 -3.84 23.44
CA LEU C 174 11.22 -3.05 22.26
C LEU C 174 10.56 -3.79 21.13
N SER C 175 9.54 -3.22 20.51
CA SER C 175 8.81 -3.87 19.41
C SER C 175 8.85 -3.14 18.09
N VAL C 176 9.44 -3.79 17.08
CA VAL C 176 9.55 -3.24 15.73
C VAL C 176 8.51 -3.83 14.78
N ALA C 177 8.17 -3.08 13.74
CA ALA C 177 7.22 -3.51 12.73
C ALA C 177 7.61 -2.90 11.38
N VAL C 178 8.13 -3.76 10.51
CA VAL C 178 8.58 -3.34 9.19
C VAL C 178 7.51 -3.53 8.12
N THR C 179 7.13 -2.44 7.46
CA THR C 179 6.13 -2.51 6.41
C THR C 179 6.84 -2.44 5.06
N ASN C 180 6.69 -3.49 4.26
CA ASN C 180 7.34 -3.53 2.95
C ASN C 180 6.49 -2.90 1.86
N ASP C 181 7.07 -2.78 0.66
CA ASP C 181 6.37 -2.18 -0.46
C ASP C 181 5.09 -2.90 -0.85
N ASN C 182 5.16 -4.23 -0.98
CA ASN C 182 3.98 -5.02 -1.36
C ASN C 182 2.85 -4.98 -0.34
N GLY C 183 3.16 -4.69 0.90
CA GLY C 183 2.13 -4.66 1.92
C GLY C 183 2.50 -5.45 3.16
N ASP C 184 2.98 -6.67 2.97
CA ASP C 184 3.40 -7.53 4.06
C ASP C 184 4.17 -6.84 5.19
N ILE C 185 3.94 -7.29 6.42
CA ILE C 185 4.64 -6.72 7.56
C ILE C 185 5.55 -7.75 8.23
N THR C 186 6.70 -7.29 8.67
CA THR C 186 7.68 -8.13 9.36
C THR C 186 7.76 -7.54 10.74
N THR C 187 7.77 -8.38 11.77
CA THR C 187 7.87 -7.83 13.11
C THR C 187 8.83 -8.67 13.99
N ILE C 188 9.47 -8.02 14.95
CA ILE C 188 10.38 -8.68 15.88
C ILE C 188 10.26 -7.89 17.20
N ALA C 189 10.52 -8.53 18.34
CA ALA C 189 10.40 -7.86 19.64
C ALA C 189 11.41 -8.44 20.59
N GLN C 190 11.89 -7.60 21.51
CA GLN C 190 12.87 -8.05 22.48
C GLN C 190 12.89 -7.18 23.74
N VAL C 191 13.15 -7.82 24.87
CA VAL C 191 13.25 -7.10 26.12
C VAL C 191 14.69 -6.56 26.19
N VAL C 192 14.86 -5.31 26.61
CA VAL C 192 16.18 -4.71 26.71
C VAL C 192 16.04 -3.68 27.78
N ASP C 193 16.59 -3.95 28.97
CA ASP C 193 16.52 -2.96 30.04
C ASP C 193 17.36 -1.77 29.61
N LEU C 194 16.69 -0.72 29.14
CA LEU C 194 17.39 0.49 28.71
C LEU C 194 18.20 1.09 29.86
N LYS C 195 17.64 0.98 31.06
CA LYS C 195 18.27 1.48 32.28
C LYS C 195 19.49 0.66 32.68
N ALA C 196 19.65 -0.50 32.05
CA ALA C 196 20.75 -1.42 32.34
C ALA C 196 21.88 -1.30 31.37
N LYS C 197 21.60 -0.93 30.14
CA LYS C 197 22.65 -0.84 29.13
C LYS C 197 23.07 0.56 28.78
N LEU C 198 22.19 1.51 28.98
CA LEU C 198 22.51 2.89 28.66
C LEU C 198 22.53 3.88 29.80
N PRO C 199 23.37 4.91 29.67
CA PRO C 199 23.44 5.93 30.73
C PRO C 199 22.15 6.75 30.72
N GLU C 200 21.91 7.55 31.75
CA GLU C 200 20.68 8.37 31.81
C GLU C 200 20.42 9.16 30.52
N ARG C 201 21.43 9.89 30.05
CA ARG C 201 21.30 10.67 28.82
C ARG C 201 21.91 9.92 27.64
N VAL C 202 21.07 9.66 26.63
CA VAL C 202 21.47 8.98 25.39
C VAL C 202 21.09 9.83 24.18
N LYS C 203 21.44 9.33 23.00
CA LYS C 203 21.09 10.01 21.76
C LYS C 203 20.49 9.04 20.74
N PHE C 204 19.52 9.51 19.98
CA PHE C 204 18.87 8.67 18.99
C PHE C 204 19.34 9.06 17.60
N GLY C 205 19.43 8.07 16.72
CA GLY C 205 19.87 8.30 15.36
C GLY C 205 19.92 7.10 14.43
N PHE C 206 20.37 7.36 13.22
CA PHE C 206 20.48 6.29 12.23
C PHE C 206 21.92 6.24 11.79
N SER C 207 22.45 5.04 11.56
CA SER C 207 23.83 4.88 11.12
C SER C 207 23.90 3.90 9.96
N ALA C 208 24.99 3.97 9.20
CA ALA C 208 25.21 3.09 8.07
C ALA C 208 26.70 2.84 7.82
N SER C 209 26.99 1.98 6.84
CA SER C 209 28.37 1.64 6.51
C SER C 209 28.46 0.88 5.20
N GLY C 210 29.65 0.89 4.64
CA GLY C 210 29.90 0.20 3.37
C GLY C 210 31.27 -0.44 3.42
N SER C 211 31.61 -1.20 2.40
CA SER C 211 32.88 -1.88 2.37
C SER C 211 33.62 -1.59 1.09
N LEU C 212 34.70 -2.35 0.87
CA LEU C 212 35.46 -2.18 -0.35
C LEU C 212 34.59 -2.71 -1.52
N GLY C 213 34.06 -3.93 -1.33
CA GLY C 213 33.19 -4.56 -2.33
C GLY C 213 31.68 -4.34 -2.16
N GLY C 214 31.29 -3.94 -0.94
CA GLY C 214 29.87 -3.73 -0.64
C GLY C 214 29.48 -2.28 -0.51
N ARG C 215 28.57 -1.86 -1.37
CA ARG C 215 28.11 -0.49 -1.39
C ARG C 215 26.71 -0.37 -1.95
N GLN C 216 26.03 0.69 -1.54
CA GLN C 216 24.68 0.98 -1.99
C GLN C 216 24.25 2.27 -1.34
N ILE C 217 23.13 2.79 -1.81
CA ILE C 217 22.62 4.03 -1.29
C ILE C 217 21.76 3.74 -0.09
N HIS C 218 21.90 4.59 0.93
CA HIS C 218 21.15 4.46 2.16
C HIS C 218 20.40 5.77 2.43
N LEU C 219 19.11 5.78 2.12
CA LEU C 219 18.29 6.97 2.33
C LEU C 219 17.29 6.95 3.49
N ILE C 220 17.42 7.96 4.36
CA ILE C 220 16.50 8.16 5.47
C ILE C 220 15.57 9.26 4.96
N ARG C 221 14.34 8.87 4.61
CA ARG C 221 13.36 9.82 4.06
C ARG C 221 12.59 10.63 5.09
N SER C 222 12.29 10.01 6.21
CA SER C 222 11.57 10.73 7.22
C SER C 222 11.74 10.12 8.56
N TRP C 223 11.44 10.92 9.58
CA TRP C 223 11.58 10.45 10.95
C TRP C 223 10.72 11.23 11.93
N SER C 224 10.04 10.50 12.78
CA SER C 224 9.17 11.09 13.79
C SER C 224 9.37 10.31 15.07
N PHE C 225 9.64 11.01 16.15
CA PHE C 225 9.92 10.37 17.42
C PHE C 225 9.20 11.06 18.56
N THR C 226 8.84 10.26 19.56
CA THR C 226 8.17 10.78 20.74
C THR C 226 8.42 9.88 21.91
N SER C 227 8.92 10.46 23.00
CA SER C 227 9.22 9.71 24.21
C SER C 227 8.61 10.44 25.38
N THR C 228 8.16 9.69 26.39
CA THR C 228 7.55 10.32 27.56
C THR C 228 8.07 9.66 28.80
N LEU C 229 8.60 10.48 29.69
CA LEU C 229 9.17 10.03 30.95
C LEU C 229 8.36 10.47 32.13
N ILE C 230 7.69 9.49 32.73
CA ILE C 230 6.86 9.77 33.88
C ILE C 230 7.77 10.07 35.07
N THR C 231 7.45 11.15 35.76
CA THR C 231 8.23 11.59 36.91
C THR C 231 7.38 12.25 37.97
N THR C 232 6.98 11.48 38.98
CA THR C 232 6.16 12.00 40.07
C THR C 232 5.81 10.85 41.02
N ALA D 1 5.01 -8.97 -34.74
CA ALA D 1 4.66 -7.52 -34.67
C ALA D 1 5.86 -6.66 -34.29
N GLU D 2 5.73 -5.35 -34.51
CA GLU D 2 6.78 -4.40 -34.18
C GLU D 2 6.59 -3.89 -32.75
N THR D 3 7.50 -4.26 -31.84
CA THR D 3 7.36 -3.85 -30.44
C THR D 3 8.55 -3.16 -29.83
N VAL D 4 8.29 -2.10 -29.07
CA VAL D 4 9.34 -1.35 -28.38
C VAL D 4 9.12 -1.55 -26.88
N SER D 5 10.17 -1.84 -26.13
CA SER D 5 10.01 -2.03 -24.70
C SER D 5 11.31 -1.80 -23.96
N PHE D 6 11.28 -0.84 -23.02
CA PHE D 6 12.44 -0.52 -22.20
C PHE D 6 11.99 -0.52 -20.74
N ASN D 7 12.96 -0.38 -19.83
CA ASN D 7 12.65 -0.34 -18.40
C ASN D 7 13.76 0.29 -17.59
N PHE D 8 13.40 1.32 -16.83
CA PHE D 8 14.33 2.07 -15.99
C PHE D 8 13.91 2.05 -14.54
N ASN D 9 14.74 1.46 -13.70
CA ASN D 9 14.44 1.44 -12.27
C ASN D 9 15.36 2.48 -11.58
N SER D 10 16.30 2.99 -12.36
CA SER D 10 17.25 4.01 -11.94
C SER D 10 17.71 4.78 -13.20
N PHE D 11 18.42 5.86 -12.98
CA PHE D 11 18.91 6.63 -14.11
C PHE D 11 20.31 7.05 -13.79
N SER D 12 20.98 7.56 -14.81
CA SER D 12 22.37 8.01 -14.70
C SER D 12 22.68 8.72 -16.00
N GLU D 13 23.34 9.88 -15.89
CA GLU D 13 23.73 10.64 -17.07
C GLU D 13 24.63 9.73 -17.93
N GLY D 14 24.75 10.08 -19.19
CA GLY D 14 25.59 9.29 -20.08
C GLY D 14 24.95 8.09 -20.74
N ASN D 15 23.75 7.77 -20.29
CA ASN D 15 23.07 6.65 -20.90
C ASN D 15 22.52 7.14 -22.21
N PRO D 16 23.01 6.58 -23.31
CA PRO D 16 22.52 7.00 -24.64
C PRO D 16 21.02 6.77 -24.95
N ALA D 17 20.33 6.12 -24.01
CA ALA D 17 18.91 5.81 -24.18
C ALA D 17 18.01 6.95 -23.78
N ILE D 18 18.61 7.93 -23.11
CA ILE D 18 17.86 9.09 -22.63
C ILE D 18 18.48 10.45 -22.91
N ASN D 19 17.66 11.37 -23.43
CA ASN D 19 18.09 12.75 -23.74
C ASN D 19 17.57 13.73 -22.67
N PHE D 20 18.49 14.50 -22.09
CA PHE D 20 18.14 15.51 -21.10
C PHE D 20 18.10 16.96 -21.65
N GLN D 21 16.89 17.52 -21.76
CA GLN D 21 16.65 18.89 -22.22
C GLN D 21 16.23 19.81 -21.06
N GLY D 22 17.03 20.80 -20.72
CA GLY D 22 16.59 21.66 -19.64
C GLY D 22 17.34 21.52 -18.33
N ASP D 23 16.69 21.90 -17.26
CA ASP D 23 17.29 21.85 -15.95
C ASP D 23 17.24 20.46 -15.33
N VAL D 24 17.29 19.43 -16.18
CA VAL D 24 17.23 18.07 -15.67
C VAL D 24 18.54 17.72 -15.01
N THR D 25 18.46 17.23 -13.78
CA THR D 25 19.65 16.84 -13.06
C THR D 25 19.44 15.43 -12.46
N VAL D 26 20.37 14.53 -12.74
CA VAL D 26 20.29 13.17 -12.22
C VAL D 26 20.95 13.07 -10.83
N LEU D 27 20.18 12.62 -9.84
CA LEU D 27 20.70 12.49 -8.48
C LEU D 27 21.56 11.27 -8.28
N SER D 28 22.42 11.36 -7.28
CA SER D 28 23.36 10.30 -6.95
C SER D 28 22.66 9.07 -6.42
N ASN D 29 21.38 8.97 -6.72
CA ASN D 29 20.60 7.82 -6.29
C ASN D 29 19.70 7.29 -7.39
N GLY D 30 20.11 7.50 -8.63
CA GLY D 30 19.36 7.00 -9.76
C GLY D 30 18.00 7.61 -9.93
N ASN D 31 17.82 8.81 -9.38
CA ASN D 31 16.56 9.53 -9.51
C ASN D 31 16.71 10.75 -10.37
N ILE D 32 15.68 11.01 -11.15
CA ILE D 32 15.71 12.18 -12.02
C ILE D 32 15.00 13.38 -11.40
N GLN D 33 15.67 14.52 -11.36
CA GLN D 33 15.08 15.73 -10.83
C GLN D 33 14.84 16.62 -12.04
N LEU D 34 13.59 16.92 -12.32
CA LEU D 34 13.28 17.74 -13.49
C LEU D 34 13.55 19.25 -13.48
N THR D 35 13.33 19.93 -12.35
CA THR D 35 13.57 21.38 -12.32
C THR D 35 14.64 21.88 -11.34
N ASN D 36 15.20 23.04 -11.66
CA ASN D 36 16.21 23.68 -10.81
C ASN D 36 15.48 24.56 -9.82
N LEU D 37 15.74 24.35 -8.53
CA LEU D 37 15.10 25.14 -7.47
C LEU D 37 15.57 26.58 -7.33
N ASN D 38 16.78 26.87 -7.83
CA ASN D 38 17.34 28.20 -7.71
C ASN D 38 17.16 29.07 -8.95
N LYS D 39 16.22 28.71 -9.81
CA LYS D 39 15.97 29.49 -11.01
C LYS D 39 14.55 29.97 -11.15
N VAL D 40 14.41 31.07 -11.85
CA VAL D 40 13.10 31.63 -12.08
C VAL D 40 12.77 30.98 -13.40
N ASN D 41 11.55 30.45 -13.52
CA ASN D 41 11.12 29.80 -14.76
C ASN D 41 11.88 28.51 -15.17
N SER D 42 12.34 27.76 -14.18
CA SER D 42 13.07 26.53 -14.49
C SER D 42 12.21 25.68 -15.44
N VAL D 43 12.86 24.86 -16.26
CA VAL D 43 12.18 23.99 -17.21
C VAL D 43 13.09 22.81 -17.54
N GLY D 44 12.54 21.61 -17.40
CA GLY D 44 13.30 20.39 -17.65
C GLY D 44 12.48 19.24 -18.21
N ARG D 45 13.06 18.52 -19.18
CA ARG D 45 12.38 17.38 -19.80
C ARG D 45 13.34 16.21 -19.91
N VAL D 46 12.78 15.00 -19.92
CA VAL D 46 13.60 13.81 -20.08
C VAL D 46 12.89 13.04 -21.18
N LEU D 47 13.65 12.62 -22.18
CA LEU D 47 13.05 11.89 -23.28
C LEU D 47 13.74 10.62 -23.61
N TYR D 48 12.94 9.65 -24.06
CA TYR D 48 13.49 8.37 -24.50
C TYR D 48 14.13 8.67 -25.87
N ALA D 49 15.46 8.53 -25.91
CA ALA D 49 16.31 8.82 -27.10
C ALA D 49 15.79 8.44 -28.49
N MET D 50 15.39 7.19 -28.66
CA MET D 50 14.90 6.76 -29.95
C MET D 50 13.44 7.13 -30.26
N PRO D 51 13.18 7.50 -31.52
CA PRO D 51 11.81 7.86 -31.89
C PRO D 51 11.08 6.52 -32.05
N VAL D 52 9.83 6.51 -31.60
CA VAL D 52 9.00 5.32 -31.74
C VAL D 52 7.93 5.63 -32.78
N ARG D 53 7.80 4.72 -33.72
CA ARG D 53 6.83 4.91 -34.78
C ARG D 53 5.48 4.45 -34.28
N ILE D 54 4.62 5.38 -33.88
CA ILE D 54 3.32 4.99 -33.34
C ILE D 54 2.29 4.49 -34.32
N TRP D 55 2.35 4.98 -35.55
CA TRP D 55 1.42 4.52 -36.60
C TRP D 55 2.10 4.47 -37.99
N SER D 56 1.53 3.64 -38.86
CA SER D 56 2.05 3.43 -40.21
C SER D 56 1.13 3.94 -41.31
N SER D 57 1.66 4.87 -42.10
CA SER D 57 0.95 5.47 -43.23
C SER D 57 0.62 4.38 -44.24
N ALA D 58 1.27 3.24 -44.06
CA ALA D 58 1.10 2.07 -44.89
C ALA D 58 -0.03 1.15 -44.42
N THR D 59 0.12 0.73 -43.17
CA THR D 59 -0.82 -0.17 -42.55
C THR D 59 -2.11 0.54 -42.19
N GLY D 60 -1.97 1.79 -41.75
CA GLY D 60 -3.15 2.54 -41.35
C GLY D 60 -3.37 2.27 -39.87
N ASN D 61 -2.56 1.35 -39.35
CA ASN D 61 -2.61 0.91 -37.97
C ASN D 61 -1.94 1.90 -37.01
N VAL D 62 -2.33 1.76 -35.75
CA VAL D 62 -1.82 2.59 -34.67
C VAL D 62 -1.45 1.67 -33.53
N ALA D 63 -0.24 1.88 -33.00
CA ALA D 63 0.23 1.07 -31.89
C ALA D 63 -0.52 1.27 -30.56
N SER D 64 -0.52 0.23 -29.74
CA SER D 64 -1.08 0.29 -28.41
C SER D 64 0.17 0.33 -27.51
N PHE D 65 0.01 0.90 -26.32
CA PHE D 65 1.12 0.91 -25.39
C PHE D 65 0.69 0.85 -23.93
N LEU D 66 1.56 0.24 -23.14
CA LEU D 66 1.34 0.04 -21.73
C LEU D 66 2.56 0.58 -21.02
N THR D 67 2.41 1.77 -20.45
CA THR D 67 3.53 2.35 -19.74
C THR D 67 3.12 2.68 -18.32
N SER D 68 4.01 2.40 -17.38
CA SER D 68 3.77 2.72 -15.98
C SER D 68 5.03 3.36 -15.40
N PHE D 69 4.85 4.34 -14.51
CA PHE D 69 5.95 5.11 -13.94
C PHE D 69 5.63 5.62 -12.56
N SER D 70 6.66 6.02 -11.84
CA SER D 70 6.48 6.51 -10.49
C SER D 70 7.23 7.82 -10.26
N PHE D 71 6.61 8.72 -9.51
CA PHE D 71 7.25 10.00 -9.24
C PHE D 71 7.00 10.51 -7.83
N GLU D 72 7.61 11.65 -7.52
CA GLU D 72 7.47 12.23 -6.19
C GLU D 72 7.68 13.73 -6.29
N MET D 73 6.87 14.50 -5.56
CA MET D 73 6.95 15.95 -5.56
C MET D 73 6.99 16.47 -4.12
N LYS D 74 8.16 16.84 -3.63
CA LYS D 74 8.28 17.33 -2.27
C LYS D 74 8.28 18.86 -2.29
N ASP D 75 7.61 19.47 -1.32
CA ASP D 75 7.53 20.92 -1.22
C ASP D 75 8.81 21.50 -0.67
N ILE D 76 8.96 22.83 -0.78
CA ILE D 76 10.14 23.51 -0.23
C ILE D 76 9.77 24.79 0.48
N LYS D 77 10.14 24.87 1.76
CA LYS D 77 9.87 26.01 2.63
C LYS D 77 9.72 27.35 1.91
N ASP D 78 8.63 28.07 2.18
CA ASP D 78 8.36 29.38 1.55
C ASP D 78 8.23 29.38 0.02
N TYR D 79 7.46 28.43 -0.51
CA TYR D 79 7.28 28.34 -1.95
C TYR D 79 5.99 27.67 -2.34
N ASP D 80 5.39 28.14 -3.44
CA ASP D 80 4.16 27.56 -3.93
C ASP D 80 4.50 26.30 -4.71
N PRO D 81 3.86 25.17 -4.35
CA PRO D 81 4.10 23.91 -5.06
C PRO D 81 3.61 23.95 -6.49
N ALA D 82 4.55 23.95 -7.42
CA ALA D 82 4.22 24.00 -8.83
C ALA D 82 5.46 23.69 -9.61
N ASP D 83 5.31 23.44 -10.91
CA ASP D 83 4.00 23.43 -11.60
C ASP D 83 3.37 22.05 -11.69
N GLY D 84 4.18 21.01 -11.53
CA GLY D 84 3.71 19.63 -11.62
C GLY D 84 4.48 18.90 -12.70
N ILE D 85 4.29 17.59 -12.80
CA ILE D 85 4.98 16.82 -13.82
C ILE D 85 4.03 16.56 -14.99
N ILE D 86 4.57 16.03 -16.08
CA ILE D 86 3.76 15.69 -17.26
C ILE D 86 4.41 14.60 -18.13
N PHE D 87 3.61 13.61 -18.45
CA PHE D 87 4.05 12.50 -19.27
C PHE D 87 3.50 12.88 -20.63
N PHE D 88 4.37 13.01 -21.64
CA PHE D 88 3.91 13.40 -22.96
C PHE D 88 4.53 12.71 -24.19
N ILE D 89 3.85 12.92 -25.31
CA ILE D 89 4.21 12.41 -26.64
C ILE D 89 4.32 13.61 -27.60
N ALA D 90 5.46 13.71 -28.28
CA ALA D 90 5.71 14.82 -29.22
C ALA D 90 6.39 14.40 -30.53
N PRO D 91 6.38 15.32 -31.53
CA PRO D 91 7.03 15.01 -32.81
C PRO D 91 8.50 14.78 -32.46
N GLU D 92 9.11 13.80 -33.12
CA GLU D 92 10.52 13.45 -32.89
C GLU D 92 11.50 14.64 -32.83
N ASP D 93 11.14 15.72 -33.51
CA ASP D 93 12.00 16.92 -33.56
C ASP D 93 11.79 17.89 -32.39
N THR D 94 10.87 17.53 -31.50
CA THR D 94 10.56 18.36 -30.32
C THR D 94 11.72 19.09 -29.59
N GLN D 95 11.66 20.41 -29.63
CA GLN D 95 12.60 21.27 -28.91
C GLN D 95 11.97 21.65 -27.57
N ILE D 96 12.80 21.98 -26.60
CA ILE D 96 12.21 22.36 -25.31
C ILE D 96 11.72 23.77 -25.34
N PRO D 97 10.38 23.94 -25.06
CA PRO D 97 9.69 25.23 -25.06
C PRO D 97 10.46 26.30 -24.29
N ALA D 98 10.10 27.55 -24.63
CA ALA D 98 10.70 28.72 -24.00
C ALA D 98 10.42 28.71 -22.52
N GLY D 99 11.44 28.88 -21.69
CA GLY D 99 11.22 28.93 -20.25
C GLY D 99 10.25 30.10 -20.09
N SER D 100 9.31 30.11 -19.13
CA SER D 100 8.38 31.24 -18.96
C SER D 100 8.40 31.51 -17.46
N ILE D 101 7.67 32.49 -16.94
CA ILE D 101 7.92 32.74 -15.51
C ILE D 101 6.86 32.60 -14.46
N GLY D 102 5.94 33.51 -14.33
CA GLY D 102 4.93 33.24 -13.35
C GLY D 102 4.30 31.93 -13.83
N GLY D 103 4.22 31.82 -15.15
CA GLY D 103 3.63 30.76 -15.91
C GLY D 103 3.71 29.33 -15.41
N GLY D 104 2.90 28.51 -16.08
CA GLY D 104 2.84 27.09 -15.76
C GLY D 104 2.55 26.34 -17.05
N THR D 105 3.50 26.37 -17.98
CA THR D 105 3.36 25.69 -19.26
C THR D 105 3.82 24.22 -19.17
N LEU D 106 4.21 23.83 -17.95
CA LEU D 106 4.67 22.46 -17.71
C LEU D 106 5.80 22.07 -18.67
N GLY D 107 6.42 23.06 -19.28
CA GLY D 107 7.53 22.78 -20.20
C GLY D 107 7.19 22.19 -21.55
N VAL D 108 5.97 22.40 -22.05
CA VAL D 108 5.61 21.84 -23.34
C VAL D 108 4.83 22.78 -24.24
N SER D 109 4.65 24.02 -23.80
CA SER D 109 3.88 25.00 -24.56
C SER D 109 4.43 26.41 -24.45
N ASP D 110 3.86 27.31 -25.25
CA ASP D 110 4.28 28.71 -25.24
C ASP D 110 3.58 29.46 -24.11
N THR D 111 3.82 30.76 -24.00
CA THR D 111 3.20 31.57 -22.96
C THR D 111 1.66 31.45 -23.02
N LYS D 112 1.14 31.31 -24.24
CA LYS D 112 -0.30 31.19 -24.47
C LYS D 112 -0.85 29.82 -24.03
N GLY D 113 -0.01 28.80 -24.02
CA GLY D 113 -0.45 27.48 -23.61
C GLY D 113 -0.63 26.52 -24.78
N ALA D 114 -0.19 26.93 -25.97
CA ALA D 114 -0.29 26.10 -27.16
C ALA D 114 0.98 25.29 -27.34
N GLY D 115 0.91 24.27 -28.17
CA GLY D 115 2.07 23.42 -28.39
C GLY D 115 1.66 22.17 -29.14
N HIS D 116 2.63 21.52 -29.79
CA HIS D 116 2.29 20.30 -30.54
C HIS D 116 2.74 19.06 -29.77
N PHE D 117 1.80 18.47 -29.04
CA PHE D 117 2.06 17.28 -28.22
C PHE D 117 0.73 16.77 -27.68
N VAL D 118 0.78 15.60 -27.05
CA VAL D 118 -0.37 14.96 -26.40
C VAL D 118 0.18 14.35 -25.11
N GLY D 119 -0.42 14.69 -23.97
CA GLY D 119 0.08 14.17 -22.70
C GLY D 119 -0.87 14.13 -21.53
N VAL D 120 -0.44 13.50 -20.44
CA VAL D 120 -1.24 13.38 -19.23
C VAL D 120 -0.52 14.25 -18.22
N GLU D 121 -1.23 15.15 -17.59
CA GLU D 121 -0.57 16.02 -16.65
C GLU D 121 -0.98 15.76 -15.21
N PHE D 122 -0.05 16.03 -14.31
CA PHE D 122 -0.24 15.87 -12.88
C PHE D 122 0.05 17.24 -12.25
N ASP D 123 -0.88 18.15 -12.54
CA ASP D 123 -0.87 19.57 -12.15
C ASP D 123 -1.23 19.85 -10.70
N THR D 124 -0.38 20.61 -10.01
CA THR D 124 -0.59 20.94 -8.59
C THR D 124 -0.80 22.44 -8.26
N TYR D 125 -1.08 23.26 -9.27
CA TYR D 125 -1.29 24.71 -9.11
C TYR D 125 -2.21 25.34 -10.16
N SER D 126 -3.28 25.96 -9.69
CA SER D 126 -4.24 26.53 -10.61
C SER D 126 -3.80 27.86 -11.23
N ASN D 127 -4.10 28.04 -12.52
CA ASN D 127 -3.79 29.25 -13.27
C ASN D 127 -5.04 29.67 -14.05
N SER D 128 -5.72 30.71 -13.56
CA SER D 128 -6.91 31.21 -14.24
C SER D 128 -6.60 31.30 -15.74
N GLU D 129 -5.34 31.58 -16.07
CA GLU D 129 -4.84 31.72 -17.45
C GLU D 129 -4.99 30.51 -18.37
N TYR D 130 -5.07 29.31 -17.80
CA TYR D 130 -5.23 28.11 -18.62
C TYR D 130 -6.44 27.26 -18.23
N ASN D 131 -7.39 27.86 -17.53
CA ASN D 131 -8.61 27.17 -17.10
C ASN D 131 -8.39 26.12 -16.00
N ASP D 132 -7.21 26.12 -15.38
CA ASP D 132 -6.90 25.17 -14.30
C ASP D 132 -8.05 25.04 -13.29
N PRO D 133 -8.57 23.82 -13.08
CA PRO D 133 -9.66 23.61 -12.12
C PRO D 133 -9.22 24.18 -10.77
N PRO D 134 -10.18 24.54 -9.90
CA PRO D 134 -9.83 25.10 -8.59
C PRO D 134 -8.65 24.48 -7.84
N THR D 135 -8.54 23.15 -7.91
CA THR D 135 -7.48 22.46 -7.22
C THR D 135 -6.69 21.47 -8.04
N ASP D 136 -5.78 20.79 -7.36
CA ASP D 136 -4.92 19.80 -7.95
C ASP D 136 -5.71 18.88 -8.87
N HIS D 137 -5.13 18.53 -10.00
CA HIS D 137 -5.84 17.68 -10.95
C HIS D 137 -4.93 16.88 -11.86
N VAL D 138 -5.53 15.93 -12.55
CA VAL D 138 -4.81 15.09 -13.48
C VAL D 138 -5.57 15.40 -14.75
N GLY D 139 -4.86 15.70 -15.82
CA GLY D 139 -5.59 16.01 -17.03
C GLY D 139 -5.08 15.27 -18.25
N ILE D 140 -5.77 15.51 -19.35
CA ILE D 140 -5.44 14.93 -20.65
C ILE D 140 -5.29 16.11 -21.64
N ASP D 141 -4.04 16.51 -21.89
CA ASP D 141 -3.73 17.60 -22.81
C ASP D 141 -3.54 17.12 -24.24
N VAL D 142 -4.06 17.93 -25.16
CA VAL D 142 -3.95 17.67 -26.59
C VAL D 142 -3.61 19.02 -27.22
N ASN D 143 -2.30 19.24 -27.43
CA ASN D 143 -1.79 20.47 -28.04
C ASN D 143 -2.13 21.73 -27.22
N SER D 144 -2.45 21.56 -25.95
CA SER D 144 -2.79 22.70 -25.10
C SER D 144 -2.74 22.35 -23.63
N VAL D 145 -2.10 23.20 -22.81
CA VAL D 145 -2.05 22.99 -21.36
C VAL D 145 -3.44 23.19 -20.68
N ASP D 146 -4.40 23.64 -21.50
CA ASP D 146 -5.80 23.82 -21.07
C ASP D 146 -6.43 22.45 -21.34
N SER D 147 -6.20 21.52 -20.41
CA SER D 147 -6.69 20.15 -20.51
C SER D 147 -8.04 19.96 -21.19
N VAL D 148 -8.11 18.91 -22.02
CA VAL D 148 -9.33 18.53 -22.72
C VAL D 148 -10.31 18.03 -21.68
N LYS D 149 -9.81 17.18 -20.78
CA LYS D 149 -10.59 16.65 -19.67
C LYS D 149 -9.73 16.69 -18.40
N THR D 150 -10.37 16.83 -17.24
CA THR D 150 -9.63 16.84 -15.97
C THR D 150 -10.45 16.15 -14.90
N VAL D 151 -9.75 15.65 -13.89
CA VAL D 151 -10.39 14.96 -12.80
C VAL D 151 -9.69 15.39 -11.52
N PRO D 152 -10.46 15.60 -10.47
CA PRO D 152 -9.89 16.02 -9.20
C PRO D 152 -8.88 15.05 -8.63
N TRP D 153 -7.70 15.55 -8.30
CA TRP D 153 -6.67 14.70 -7.73
C TRP D 153 -6.07 15.49 -6.59
N ASN D 154 -5.26 14.85 -5.76
CA ASN D 154 -4.63 15.54 -4.64
C ASN D 154 -3.15 15.12 -4.49
N SER D 155 -2.25 16.09 -4.67
CA SER D 155 -0.83 15.85 -4.60
C SER D 155 -0.34 15.94 -3.18
N VAL D 156 0.38 14.91 -2.75
CA VAL D 156 0.91 14.84 -1.38
C VAL D 156 2.42 14.88 -1.37
N SER D 157 2.97 15.89 -0.70
CA SER D 157 4.42 16.09 -0.62
C SER D 157 5.16 14.90 -0.06
N GLY D 158 6.26 14.52 -0.73
CA GLY D 158 7.08 13.42 -0.30
C GLY D 158 6.45 12.06 -0.50
N ALA D 159 5.38 11.98 -1.27
CA ALA D 159 4.70 10.69 -1.50
C ALA D 159 5.04 10.15 -2.86
N VAL D 160 5.33 8.86 -2.92
CA VAL D 160 5.69 8.21 -4.18
C VAL D 160 4.41 7.80 -4.90
N VAL D 161 4.25 8.20 -6.16
CA VAL D 161 3.03 7.86 -6.88
C VAL D 161 3.29 6.86 -7.97
N LYS D 162 2.38 5.92 -8.14
CA LYS D 162 2.52 4.91 -9.18
C LYS D 162 1.46 5.22 -10.24
N VAL D 163 1.84 5.21 -11.51
CA VAL D 163 0.90 5.52 -12.57
C VAL D 163 0.94 4.49 -13.69
N THR D 164 -0.21 3.92 -14.02
CA THR D 164 -0.27 2.93 -15.08
C THR D 164 -1.13 3.52 -16.18
N VAL D 165 -0.54 3.58 -17.39
CA VAL D 165 -1.19 4.10 -18.59
C VAL D 165 -1.37 3.00 -19.66
N ILE D 166 -2.56 2.98 -20.27
CA ILE D 166 -2.89 2.00 -21.31
C ILE D 166 -3.52 2.74 -22.47
N TYR D 167 -3.09 2.41 -23.69
CA TYR D 167 -3.64 3.02 -24.90
C TYR D 167 -4.13 1.90 -25.81
N ASP D 168 -5.40 1.94 -26.19
CA ASP D 168 -5.93 0.91 -27.07
C ASP D 168 -5.84 1.36 -28.53
N SER D 169 -5.18 0.55 -29.35
CA SER D 169 -4.98 0.86 -30.77
C SER D 169 -6.27 1.14 -31.52
N SER D 170 -7.28 0.31 -31.32
CA SER D 170 -8.55 0.50 -32.01
C SER D 170 -9.40 1.60 -31.42
N THR D 171 -9.93 1.35 -30.22
CA THR D 171 -10.80 2.31 -29.53
C THR D 171 -10.16 3.71 -29.34
N LYS D 172 -8.87 3.81 -29.66
CA LYS D 172 -8.11 5.06 -29.52
C LYS D 172 -8.33 5.66 -28.13
N THR D 173 -8.41 4.80 -27.12
CA THR D 173 -8.66 5.20 -25.72
C THR D 173 -7.42 5.24 -24.83
N LEU D 174 -7.11 6.43 -24.34
CA LEU D 174 -5.98 6.64 -23.44
C LEU D 174 -6.53 6.55 -22.01
N SER D 175 -6.11 5.54 -21.25
CA SER D 175 -6.64 5.36 -19.90
C SER D 175 -5.57 5.40 -18.83
N VAL D 176 -5.65 6.39 -17.95
CA VAL D 176 -4.70 6.54 -16.86
C VAL D 176 -5.27 6.03 -15.53
N ALA D 177 -4.38 5.64 -14.63
CA ALA D 177 -4.77 5.17 -13.31
C ALA D 177 -3.69 5.57 -12.30
N VAL D 178 -4.04 6.55 -11.46
CA VAL D 178 -3.11 7.08 -10.45
C VAL D 178 -3.29 6.42 -9.09
N THR D 179 -2.22 5.79 -8.61
CA THR D 179 -2.26 5.13 -7.30
C THR D 179 -1.57 6.02 -6.25
N ASN D 180 -2.32 6.46 -5.25
CA ASN D 180 -1.80 7.32 -4.20
C ASN D 180 -1.17 6.55 -3.05
N ASP D 181 -0.49 7.27 -2.17
CA ASP D 181 0.19 6.66 -1.05
C ASP D 181 -0.76 5.87 -0.16
N ASN D 182 -1.89 6.46 0.21
CA ASN D 182 -2.84 5.79 1.10
C ASN D 182 -3.47 4.54 0.49
N GLY D 183 -3.48 4.44 -0.83
CA GLY D 183 -4.07 3.29 -1.48
C GLY D 183 -5.05 3.67 -2.58
N ASP D 184 -5.93 4.61 -2.27
CA ASP D 184 -6.94 5.07 -3.22
C ASP D 184 -6.42 5.26 -4.64
N ILE D 185 -7.27 4.98 -5.62
CA ILE D 185 -6.89 5.16 -7.01
C ILE D 185 -7.74 6.23 -7.68
N THR D 186 -7.11 6.99 -8.57
CA THR D 186 -7.75 8.06 -9.32
C THR D 186 -7.60 7.62 -10.76
N THR D 187 -8.66 7.71 -11.53
CA THR D 187 -8.56 7.30 -12.94
C THR D 187 -9.27 8.30 -13.87
N ILE D 188 -8.78 8.44 -15.10
CA ILE D 188 -9.36 9.32 -16.11
C ILE D 188 -9.11 8.63 -17.46
N ALA D 189 -9.93 8.91 -18.47
CA ALA D 189 -9.76 8.27 -19.76
C ALA D 189 -10.27 9.21 -20.84
N GLN D 190 -9.67 9.11 -22.02
CA GLN D 190 -10.05 9.97 -23.13
C GLN D 190 -9.65 9.40 -24.50
N VAL D 191 -10.48 9.64 -25.50
CA VAL D 191 -10.18 9.20 -26.85
C VAL D 191 -9.26 10.27 -27.46
N VAL D 192 -8.21 9.84 -28.14
CA VAL D 192 -7.28 10.78 -28.75
C VAL D 192 -6.71 10.04 -29.94
N ASP D 193 -7.13 10.40 -31.14
CA ASP D 193 -6.59 9.75 -32.32
C ASP D 193 -5.13 10.14 -32.44
N LEU D 194 -4.25 9.24 -31.99
CA LEU D 194 -2.83 9.51 -32.06
C LEU D 194 -2.38 9.78 -33.50
N LYS D 195 -2.97 9.03 -34.42
CA LYS D 195 -2.72 9.16 -35.86
C LYS D 195 -3.23 10.50 -36.41
N ALA D 196 -4.05 11.21 -35.63
CA ALA D 196 -4.62 12.49 -36.07
C ALA D 196 -3.85 13.66 -35.53
N LYS D 197 -3.23 13.51 -34.38
CA LYS D 197 -2.51 14.64 -33.80
C LYS D 197 -1.02 14.57 -33.89
N LEU D 198 -0.49 13.35 -34.00
CA LEU D 198 0.96 13.20 -34.06
C LEU D 198 1.53 12.60 -35.34
N PRO D 199 2.76 13.01 -35.68
CA PRO D 199 3.37 12.46 -36.91
C PRO D 199 3.67 10.99 -36.67
N GLU D 200 4.01 10.23 -37.71
CA GLU D 200 4.33 8.80 -37.57
C GLU D 200 5.36 8.53 -36.47
N ARG D 201 6.46 9.29 -36.48
CA ARG D 201 7.52 9.13 -35.46
C ARG D 201 7.41 10.20 -34.41
N VAL D 202 7.25 9.76 -33.17
CA VAL D 202 7.13 10.65 -32.01
C VAL D 202 8.17 10.23 -30.96
N LYS D 203 8.14 10.92 -29.82
CA LYS D 203 9.01 10.60 -28.72
C LYS D 203 8.24 10.65 -27.37
N PHE D 204 8.63 9.78 -26.45
CA PHE D 204 7.96 9.73 -25.17
C PHE D 204 8.87 10.29 -24.09
N GLY D 205 8.27 10.92 -23.10
CA GLY D 205 9.03 11.50 -22.02
C GLY D 205 8.22 12.20 -20.95
N PHE D 206 8.94 12.76 -19.99
CA PHE D 206 8.34 13.49 -18.88
C PHE D 206 8.90 14.91 -18.89
N SER D 207 8.04 15.90 -18.63
CA SER D 207 8.46 17.30 -18.59
C SER D 207 7.95 17.98 -17.30
N ALA D 208 8.57 19.10 -16.94
CA ALA D 208 8.19 19.85 -15.77
C ALA D 208 8.52 21.34 -15.96
N SER D 209 8.14 22.13 -14.96
CA SER D 209 8.36 23.57 -14.99
C SER D 209 8.08 24.20 -13.63
N GLY D 210 8.62 25.42 -13.48
CA GLY D 210 8.47 26.15 -12.25
C GLY D 210 8.31 27.63 -12.59
N SER D 211 8.04 28.43 -11.57
CA SER D 211 7.84 29.84 -11.76
C SER D 211 8.72 30.67 -10.86
N LEU D 212 8.43 31.96 -10.82
CA LEU D 212 9.17 32.86 -9.95
C LEU D 212 8.77 32.51 -8.51
N GLY D 213 7.46 32.45 -8.27
CA GLY D 213 6.97 32.11 -6.94
C GLY D 213 6.62 30.64 -6.67
N GLY D 214 6.49 29.88 -7.76
CA GLY D 214 6.15 28.47 -7.67
C GLY D 214 7.29 27.53 -7.98
N ARG D 215 7.64 26.74 -6.98
CA ARG D 215 8.74 25.81 -7.11
C ARG D 215 8.57 24.62 -6.18
N GLN D 216 9.19 23.52 -6.57
CA GLN D 216 9.17 22.27 -5.81
C GLN D 216 10.03 21.25 -6.54
N ILE D 217 10.29 20.14 -5.88
CA ILE D 217 11.10 19.10 -6.49
C ILE D 217 10.19 18.18 -7.28
N HIS D 218 10.68 17.78 -8.44
CA HIS D 218 9.95 16.89 -9.36
C HIS D 218 10.81 15.67 -9.64
N LEU D 219 10.51 14.57 -8.98
CA LEU D 219 11.28 13.36 -9.16
C LEU D 219 10.62 12.22 -9.93
N ILE D 220 11.31 11.74 -10.98
CA ILE D 220 10.88 10.60 -11.79
C ILE D 220 11.76 9.45 -11.29
N ARG D 221 11.14 8.57 -10.48
CA ARG D 221 11.81 7.43 -9.86
C ARG D 221 11.99 6.22 -10.75
N SER D 222 10.99 5.97 -11.57
CA SER D 222 11.10 4.84 -12.44
C SER D 222 10.19 4.93 -13.61
N TRP D 223 10.51 4.15 -14.63
CA TRP D 223 9.72 4.16 -15.85
C TRP D 223 9.87 2.87 -16.66
N SER D 224 8.74 2.34 -17.09
CA SER D 224 8.71 1.14 -17.91
C SER D 224 7.68 1.36 -18.99
N PHE D 225 8.08 1.13 -20.23
CA PHE D 225 7.21 1.36 -21.38
C PHE D 225 7.27 0.22 -22.38
N THR D 226 6.14 0.01 -23.04
CA THR D 226 6.03 -1.06 -24.05
C THR D 226 4.90 -0.73 -25.02
N SER D 227 5.24 -0.71 -26.29
CA SER D 227 4.29 -0.41 -27.35
C SER D 227 4.40 -1.50 -28.40
N THR D 228 3.29 -1.78 -29.05
CA THR D 228 3.32 -2.84 -30.06
C THR D 228 2.52 -2.36 -31.24
N LEU D 229 3.18 -2.39 -32.39
CA LEU D 229 2.54 -2.00 -33.64
C LEU D 229 2.33 -3.15 -34.58
N ILE D 230 1.06 -3.52 -34.73
CA ILE D 230 0.69 -4.60 -35.60
C ILE D 230 0.88 -4.15 -37.04
N THR D 231 1.55 -4.99 -37.83
CA THR D 231 1.85 -4.71 -39.22
C THR D 231 1.87 -5.96 -40.12
N THR D 232 0.75 -6.23 -40.75
CA THR D 232 0.62 -7.38 -41.64
C THR D 232 -0.82 -7.44 -42.16
#